data_3IWJ
#
_entry.id   3IWJ
#
_cell.length_a   66.250
_cell.length_b   86.730
_cell.length_c   179.160
_cell.angle_alpha   90.00
_cell.angle_beta   90.00
_cell.angle_gamma   90.00
#
_symmetry.space_group_name_H-M   'P 21 21 21'
#
loop_
_entity.id
_entity.type
_entity.pdbx_description
1 polymer 'Putative aminoaldehyde dehydrogenase'
2 non-polymer NICOTINAMIDE-ADENINE-DINUCLEOTIDE
3 non-polymer 'SODIUM ION'
4 non-polymer GLYCEROL
5 water water
#
_entity_poly.entity_id   1
_entity_poly.type   'polypeptide(L)'
_entity_poly.pdbx_seq_one_letter_code
;MDIPIPTRQLFINGDWKAPVLNKRIPVINPATQNIIGDIPAATKEDVDVAVAAAKTALTRNKGADWATASGAVRARYLRA
IAAKVTEKKPELAKLESIDCGKPLDEAAWDIDDVAGCFEYYADLAEKLDARQKAPVSLPMDTFKSHVLREPIGVVGLITP
WNYPMLMATWKVAPALAAGCAAILKPSELASLTCLELGEICKEVGLPPGVLNILTGLGPEAGAPLATHPDVDKVAFTGSS
ATGSKIMTAAAQLVKPVSLELGGKSPLVVFEDVDLDKAAEWAIFGCFWTNGQICSATSRLILHESIATEFLNRIVKWIKN
IKISDPLEEGCRLGPVVSEGQYEKILKFVSNAKSEGATILTGGSRPEHLKKGFFIEPTIITDVTTNMQIWREEVFGPVLC
VKTFSTEEEAIDLANDTVYGLGAAVISNDLERCERVTKAFKAGIVWVNCSQPCFTQAPWGGVKRSGFGRELGEWGLDNYL
SVKQVTQYISEEPWGWYQPPAKL
;
_entity_poly.pdbx_strand_id   A,B
#
loop_
_chem_comp.id
_chem_comp.type
_chem_comp.name
_chem_comp.formula
GOL non-polymer GLYCEROL 'C3 H8 O3'
NA non-polymer 'SODIUM ION' 'Na 1'
NAD non-polymer NICOTINAMIDE-ADENINE-DINUCLEOTIDE 'C21 H27 N7 O14 P2'
#
# COMPACT_ATOMS: atom_id res chain seq x y z
N PRO A 4 -28.51 19.92 25.27
CA PRO A 4 -27.10 19.68 25.57
C PRO A 4 -26.36 19.01 24.40
N ILE A 5 -26.67 17.74 24.18
CA ILE A 5 -26.14 16.97 23.06
C ILE A 5 -26.76 17.50 21.75
N PRO A 6 -25.89 17.97 20.83
CA PRO A 6 -26.38 18.54 19.58
C PRO A 6 -27.15 17.54 18.75
N THR A 7 -28.07 18.05 17.95
CA THR A 7 -28.80 17.23 16.98
C THR A 7 -28.41 17.71 15.57
N ARG A 8 -27.94 16.77 14.75
CA ARG A 8 -27.39 17.11 13.45
C ARG A 8 -27.85 16.15 12.36
N GLN A 9 -27.70 16.59 11.11
CA GLN A 9 -27.91 15.74 9.96
C GLN A 9 -26.56 15.22 9.47
N LEU A 10 -26.57 14.51 8.33
CA LEU A 10 -25.33 14.19 7.64
C LEU A 10 -24.70 15.50 7.16
N PHE A 11 -23.39 15.51 6.99
CA PHE A 11 -22.73 16.65 6.39
C PHE A 11 -22.25 16.28 4.99
N ILE A 12 -22.91 16.87 3.99
CA ILE A 12 -22.68 16.54 2.60
C ILE A 12 -22.64 17.84 1.80
N ASN A 13 -21.63 17.98 0.94
CA ASN A 13 -21.54 19.11 0.02
C ASN A 13 -21.70 20.46 0.70
N GLY A 14 -21.06 20.60 1.87
CA GLY A 14 -20.94 21.90 2.56
C GLY A 14 -22.11 22.28 3.45
N ASP A 15 -23.10 21.40 3.57
CA ASP A 15 -24.31 21.72 4.32
C ASP A 15 -24.98 20.48 4.92
N TRP A 16 -25.90 20.70 5.87
CA TRP A 16 -26.61 19.62 6.55
C TRP A 16 -27.68 19.00 5.66
N LYS A 17 -27.77 17.68 5.66
CA LYS A 17 -28.68 16.98 4.75
C LYS A 17 -29.16 15.70 5.40
N ALA A 18 -30.47 15.52 5.44
CA ALA A 18 -31.10 14.33 6.02
C ALA A 18 -30.74 13.07 5.23
N PRO A 19 -30.59 11.93 5.94
CA PRO A 19 -30.48 10.66 5.22
C PRO A 19 -31.66 10.51 4.26
N VAL A 20 -31.44 9.86 3.12
CA VAL A 20 -32.48 9.69 2.12
C VAL A 20 -33.63 8.85 2.69
N LEU A 21 -33.30 7.81 3.45
CA LEU A 21 -34.33 6.97 4.07
C LEU A 21 -34.62 7.41 5.51
N ASN A 22 -34.17 8.64 5.83
CA ASN A 22 -34.34 9.29 7.14
C ASN A 22 -34.23 8.47 8.44
N LYS A 23 -33.52 7.34 8.41
CA LYS A 23 -33.27 6.53 9.61
C LYS A 23 -32.32 7.26 10.56
N ARG A 24 -32.45 6.95 11.85
CA ARG A 24 -31.56 7.48 12.88
C ARG A 24 -31.27 6.40 13.91
N ILE A 25 -30.16 6.57 14.64
CA ILE A 25 -29.76 5.59 15.65
C ILE A 25 -29.38 6.29 16.95
N PRO A 26 -29.57 5.61 18.11
CA PRO A 26 -29.42 6.26 19.41
C PRO A 26 -27.98 6.59 19.75
N VAL A 27 -27.82 7.58 20.63
CA VAL A 27 -26.56 7.85 21.30
C VAL A 27 -26.74 7.40 22.76
N ILE A 28 -25.85 6.54 23.24
CA ILE A 28 -25.89 6.07 24.62
C ILE A 28 -24.71 6.66 25.42
N ASN A 29 -24.98 7.07 26.65
CA ASN A 29 -23.93 7.46 27.58
C ASN A 29 -23.46 6.21 28.29
N PRO A 30 -22.19 5.80 28.07
CA PRO A 30 -21.68 4.56 28.66
C PRO A 30 -21.61 4.62 30.19
N ALA A 31 -21.46 5.82 30.73
CA ALA A 31 -21.39 6.05 32.17
C ALA A 31 -22.73 5.85 32.88
N THR A 32 -23.83 6.10 32.19
CA THR A 32 -25.14 6.12 32.81
C THR A 32 -26.09 5.11 32.17
N GLN A 33 -25.76 4.72 30.94
CA GLN A 33 -26.57 3.81 30.13
C GLN A 33 -27.85 4.44 29.58
N ASN A 34 -28.01 5.75 29.74
CA ASN A 34 -29.19 6.44 29.22
C ASN A 34 -29.05 6.79 27.74
N ILE A 35 -30.17 6.80 27.02
CA ILE A 35 -30.22 7.30 25.67
C ILE A 35 -30.24 8.81 25.80
N ILE A 36 -29.29 9.49 25.16
CA ILE A 36 -29.10 10.93 25.34
C ILE A 36 -29.24 11.74 24.05
N GLY A 37 -29.77 11.10 23.01
CA GLY A 37 -29.94 11.76 21.72
C GLY A 37 -29.81 10.76 20.60
N ASP A 38 -29.63 11.26 19.39
CA ASP A 38 -29.48 10.40 18.22
C ASP A 38 -28.63 11.02 17.12
N ILE A 39 -28.26 10.16 16.17
CA ILE A 39 -27.40 10.54 15.05
C ILE A 39 -28.00 9.99 13.75
N PRO A 40 -27.78 10.67 12.62
CA PRO A 40 -28.33 10.18 11.35
C PRO A 40 -27.65 8.87 10.92
N ALA A 41 -28.42 7.98 10.31
CA ALA A 41 -27.91 6.66 9.90
C ALA A 41 -27.90 6.51 8.38
N ALA A 42 -26.73 6.77 7.79
CA ALA A 42 -26.58 6.77 6.33
C ALA A 42 -26.66 5.39 5.68
N THR A 43 -27.11 5.39 4.43
CA THR A 43 -27.20 4.19 3.61
C THR A 43 -26.51 4.48 2.27
N LYS A 44 -26.39 3.45 1.45
CA LYS A 44 -25.80 3.52 0.11
C LYS A 44 -26.15 4.80 -0.66
N GLU A 45 -27.44 5.15 -0.68
CA GLU A 45 -27.89 6.31 -1.47
C GLU A 45 -27.35 7.63 -0.95
N ASP A 46 -26.99 7.68 0.33
CA ASP A 46 -26.33 8.85 0.88
C ASP A 46 -24.84 8.84 0.50
N VAL A 47 -24.23 7.66 0.53
CA VAL A 47 -22.85 7.49 0.05
C VAL A 47 -22.76 7.95 -1.41
N ASP A 48 -23.67 7.45 -2.24
CA ASP A 48 -23.78 7.88 -3.65
C ASP A 48 -23.79 9.39 -3.80
N VAL A 49 -24.60 10.07 -2.98
CA VAL A 49 -24.69 11.54 -3.03
C VAL A 49 -23.38 12.19 -2.56
N ALA A 50 -22.82 11.66 -1.47
CA ALA A 50 -21.56 12.18 -0.90
C ALA A 50 -20.39 11.99 -1.87
N VAL A 51 -20.33 10.81 -2.50
CA VAL A 51 -19.26 10.50 -3.46
C VAL A 51 -19.33 11.45 -4.66
N ALA A 52 -20.49 11.56 -5.28
CA ALA A 52 -20.71 12.51 -6.39
C ALA A 52 -20.30 13.93 -5.97
N ALA A 53 -20.65 14.30 -4.73
CA ALA A 53 -20.30 15.61 -4.21
C ALA A 53 -18.79 15.80 -4.11
N ALA A 54 -18.09 14.75 -3.66
CA ALA A 54 -16.62 14.78 -3.59
C ALA A 54 -15.98 14.92 -4.97
N LYS A 55 -16.44 14.11 -5.93
CA LYS A 55 -16.01 14.18 -7.35
C LYS A 55 -16.06 15.61 -7.86
N THR A 56 -17.28 16.16 -7.87
CA THR A 56 -17.55 17.52 -8.35
C THR A 56 -16.61 18.52 -7.68
N ALA A 57 -16.37 18.30 -6.38
CA ALA A 57 -15.52 19.19 -5.60
C ALA A 57 -14.07 19.25 -6.09
N LEU A 58 -13.60 18.16 -6.71
CA LEU A 58 -12.21 18.09 -7.19
C LEU A 58 -12.04 18.73 -8.56
N THR A 59 -13.09 18.66 -9.37
CA THR A 59 -13.07 19.14 -10.75
C THR A 59 -13.56 20.60 -10.89
N ARG A 60 -14.49 21.01 -10.00
CA ARG A 60 -15.07 22.36 -10.00
C ARG A 60 -14.05 23.47 -10.20
N ASN A 61 -14.39 24.44 -11.06
CA ASN A 61 -13.51 25.55 -11.44
C ASN A 61 -12.09 25.10 -11.81
N LYS A 62 -12.00 23.97 -12.50
CA LYS A 62 -10.73 23.37 -12.89
C LYS A 62 -9.82 23.09 -11.68
N GLY A 63 -10.45 22.68 -10.57
CA GLY A 63 -9.75 22.35 -9.34
C GLY A 63 -9.10 23.51 -8.60
N ALA A 64 -9.36 24.73 -9.07
CA ALA A 64 -8.69 25.96 -8.60
C ALA A 64 -8.95 26.35 -7.14
N ASP A 65 -10.11 25.99 -6.59
CA ASP A 65 -10.42 26.29 -5.19
C ASP A 65 -9.70 25.34 -4.22
N TRP A 66 -9.54 24.08 -4.63
CA TRP A 66 -9.02 23.04 -3.75
C TRP A 66 -7.93 22.14 -4.37
N ALA A 67 -8.33 21.23 -5.27
CA ALA A 67 -7.45 20.18 -5.80
C ALA A 67 -6.20 20.64 -6.54
N THR A 68 -6.33 21.69 -7.34
CA THR A 68 -5.19 22.23 -8.08
C THR A 68 -4.66 23.52 -7.46
N ALA A 69 -5.34 23.99 -6.40
CA ALA A 69 -4.87 25.15 -5.65
C ALA A 69 -3.52 24.84 -5.03
N SER A 70 -2.79 25.86 -4.61
CA SER A 70 -1.50 25.63 -3.98
C SER A 70 -1.71 25.08 -2.56
N GLY A 71 -0.65 24.53 -1.98
CA GLY A 71 -0.73 23.96 -0.64
C GLY A 71 -0.95 24.99 0.43
N ALA A 72 -0.41 26.19 0.23
CA ALA A 72 -0.55 27.30 1.18
C ALA A 72 -2.00 27.77 1.33
N VAL A 73 -2.81 27.51 0.30
CA VAL A 73 -4.24 27.82 0.33
C VAL A 73 -5.01 26.83 1.20
N ARG A 74 -4.75 25.54 0.99
CA ARG A 74 -5.33 24.49 1.82
C ARG A 74 -4.86 24.61 3.27
N ALA A 75 -3.61 25.01 3.45
CA ALA A 75 -3.03 25.24 4.77
C ALA A 75 -3.86 26.22 5.60
N ARG A 76 -4.25 27.34 4.99
CA ARG A 76 -5.05 28.36 5.67
C ARG A 76 -6.39 27.80 6.14
N TYR A 77 -7.00 26.95 5.32
CA TYR A 77 -8.22 26.25 5.73
C TYR A 77 -7.96 25.32 6.91
N LEU A 78 -6.82 24.64 6.89
CA LEU A 78 -6.46 23.70 7.95
C LEU A 78 -6.13 24.41 9.26
N ARG A 79 -5.42 25.53 9.19
CA ARG A 79 -5.11 26.35 10.36
C ARG A 79 -6.38 26.94 10.98
N ALA A 80 -7.34 27.29 10.12
CA ALA A 80 -8.61 27.86 10.55
C ALA A 80 -9.47 26.81 11.25
N ILE A 81 -9.40 25.57 10.77
CA ILE A 81 -10.06 24.46 11.44
C ILE A 81 -9.39 24.24 12.79
N ALA A 82 -8.06 24.28 12.82
CA ALA A 82 -7.32 24.07 14.06
C ALA A 82 -7.68 25.13 15.12
N ALA A 83 -7.85 26.38 14.69
CA ALA A 83 -8.19 27.47 15.61
C ALA A 83 -9.59 27.27 16.19
N LYS A 84 -10.54 26.86 15.35
CA LYS A 84 -11.91 26.58 15.77
C LYS A 84 -12.01 25.45 16.79
N VAL A 85 -11.29 24.35 16.53
CA VAL A 85 -11.25 23.23 17.47
C VAL A 85 -10.77 23.71 18.85
N THR A 86 -9.66 24.47 18.85
CA THR A 86 -9.13 25.09 20.06
C THR A 86 -10.15 26.00 20.76
N GLU A 87 -10.83 26.85 19.99
CA GLU A 87 -11.89 27.70 20.51
C GLU A 87 -12.99 26.91 21.21
N LYS A 88 -13.40 25.80 20.61
CA LYS A 88 -14.49 24.99 21.14
C LYS A 88 -14.00 23.82 22.01
N LYS A 89 -12.75 23.88 22.45
CA LYS A 89 -12.17 22.79 23.24
C LYS A 89 -13.05 22.30 24.41
N PRO A 90 -13.49 23.21 25.30
CA PRO A 90 -14.26 22.73 26.46
C PRO A 90 -15.52 21.95 26.09
N GLU A 91 -16.24 22.40 25.08
CA GLU A 91 -17.45 21.70 24.64
C GLU A 91 -17.13 20.41 23.91
N LEU A 92 -16.06 20.43 23.11
CA LEU A 92 -15.67 19.26 22.32
C LEU A 92 -15.16 18.13 23.21
N ALA A 93 -14.25 18.45 24.13
CA ALA A 93 -13.77 17.49 25.13
C ALA A 93 -14.90 16.86 25.96
N LYS A 94 -15.86 17.68 26.38
CA LYS A 94 -17.01 17.17 27.15
C LYS A 94 -17.88 16.25 26.32
N LEU A 95 -18.10 16.62 25.06
CA LEU A 95 -18.84 15.79 24.13
C LEU A 95 -18.16 14.45 23.89
N GLU A 96 -16.84 14.47 23.78
CA GLU A 96 -16.06 13.25 23.57
C GLU A 96 -16.26 12.28 24.73
N SER A 97 -16.08 12.82 25.94
CA SER A 97 -16.23 12.03 27.17
C SER A 97 -17.62 11.41 27.34
N ILE A 98 -18.65 12.17 26.98
CA ILE A 98 -20.02 11.70 27.13
C ILE A 98 -20.32 10.62 26.07
N ASP A 99 -19.67 10.79 24.92
CA ASP A 99 -19.90 9.95 23.76
C ASP A 99 -19.15 8.62 23.88
N CYS A 100 -17.88 8.67 24.27
CA CYS A 100 -17.04 7.45 24.24
C CYS A 100 -16.58 6.95 25.61
N GLY A 101 -16.73 7.77 26.64
CA GLY A 101 -16.49 7.34 28.01
C GLY A 101 -15.11 7.56 28.59
N LYS A 102 -14.21 8.17 27.83
CA LYS A 102 -12.85 8.41 28.34
C LYS A 102 -12.80 9.56 29.34
N PRO A 103 -11.95 9.43 30.38
CA PRO A 103 -11.84 10.51 31.35
C PRO A 103 -11.69 11.86 30.66
N LEU A 104 -12.31 12.91 31.21
CA LEU A 104 -12.31 14.24 30.60
C LEU A 104 -10.88 14.77 30.36
N ASP A 105 -9.95 14.44 31.25
CA ASP A 105 -8.56 14.89 31.09
C ASP A 105 -7.89 14.26 29.87
N GLU A 106 -8.38 13.08 29.49
CA GLU A 106 -7.90 12.39 28.28
C GLU A 106 -8.52 13.07 27.05
N ALA A 107 -9.82 13.36 27.11
CA ALA A 107 -10.51 14.00 25.99
C ALA A 107 -9.95 15.38 25.68
N ALA A 108 -9.57 16.11 26.73
CA ALA A 108 -8.95 17.43 26.57
C ALA A 108 -7.62 17.29 25.85
N TRP A 109 -6.85 16.26 26.23
CA TRP A 109 -5.61 15.94 25.54
C TRP A 109 -5.83 15.58 24.04
N ASP A 110 -6.83 14.75 23.74
CA ASP A 110 -7.23 14.44 22.36
C ASP A 110 -7.49 15.71 21.53
N ILE A 111 -8.30 16.61 22.09
CA ILE A 111 -8.72 17.84 21.39
C ILE A 111 -7.53 18.76 21.13
N ASP A 112 -6.61 18.87 22.09
CA ASP A 112 -5.35 19.57 21.83
C ASP A 112 -4.65 19.01 20.58
N ASP A 113 -4.55 17.68 20.51
CA ASP A 113 -3.87 17.00 19.42
C ASP A 113 -4.61 17.02 18.08
N VAL A 114 -5.95 16.98 18.11
CA VAL A 114 -6.74 17.27 16.91
C VAL A 114 -6.25 18.60 16.30
N ALA A 115 -6.27 19.67 17.10
CA ALA A 115 -5.83 20.98 16.64
C ALA A 115 -4.37 20.93 16.19
N GLY A 116 -3.54 20.26 16.98
CA GLY A 116 -2.11 20.10 16.69
C GLY A 116 -1.84 19.34 15.42
N CYS A 117 -2.72 18.39 15.10
CA CYS A 117 -2.60 17.59 13.89
C CYS A 117 -2.90 18.45 12.65
N PHE A 118 -4.01 19.19 12.69
CA PHE A 118 -4.36 20.10 11.58
C PHE A 118 -3.26 21.11 11.30
N GLU A 119 -2.66 21.63 12.37
CA GLU A 119 -1.55 22.59 12.24
C GLU A 119 -0.31 21.94 11.64
N TYR A 120 -0.03 20.71 12.05
CA TYR A 120 1.10 19.95 11.52
C TYR A 120 0.95 19.73 10.03
N TYR A 121 -0.24 19.28 9.62
CA TYR A 121 -0.49 19.03 8.19
C TYR A 121 -0.65 20.30 7.36
N ALA A 122 -0.98 21.42 8.01
CA ALA A 122 -1.00 22.71 7.34
C ALA A 122 0.43 23.07 6.92
N ASP A 123 1.37 22.91 7.85
CA ASP A 123 2.80 23.10 7.59
C ASP A 123 3.29 22.18 6.47
N LEU A 124 2.75 20.97 6.41
CA LEU A 124 3.11 20.01 5.36
C LEU A 124 2.50 20.36 4.00
N ALA A 125 1.30 20.93 4.03
CA ALA A 125 0.62 21.37 2.81
C ALA A 125 1.38 22.50 2.13
N GLU A 126 1.95 23.41 2.94
CA GLU A 126 2.75 24.52 2.43
C GLU A 126 4.03 24.02 1.76
N LYS A 127 4.76 23.17 2.49
CA LYS A 127 6.01 22.60 2.00
C LYS A 127 5.85 21.84 0.68
N LEU A 128 4.64 21.31 0.47
CA LEU A 128 4.30 20.49 -0.70
C LEU A 128 4.45 21.17 -2.06
N ASP A 129 4.13 22.46 -2.13
CA ASP A 129 4.28 23.23 -3.37
C ASP A 129 5.71 23.13 -3.89
N ALA A 130 6.67 23.26 -2.98
CA ALA A 130 8.09 23.17 -3.30
C ALA A 130 8.54 21.75 -3.65
N ARG A 131 7.73 20.76 -3.27
CA ARG A 131 8.02 19.34 -3.55
C ARG A 131 7.47 18.84 -4.90
N GLN A 132 6.65 19.67 -5.56
CA GLN A 132 6.15 19.38 -6.91
C GLN A 132 7.27 19.44 -7.95
N LYS A 133 7.08 18.74 -9.07
CA LYS A 133 8.05 18.70 -10.17
C LYS A 133 9.48 18.31 -9.75
N ALA A 134 9.61 17.40 -8.79
CA ALA A 134 10.92 16.92 -8.37
C ALA A 134 11.58 16.16 -9.52
N PRO A 135 12.78 16.62 -9.95
CA PRO A 135 13.47 15.97 -11.06
C PRO A 135 13.99 14.58 -10.71
N VAL A 136 13.90 13.67 -11.68
CA VAL A 136 14.48 12.34 -11.56
C VAL A 136 15.70 12.33 -12.47
N SER A 137 16.83 11.89 -11.93
CA SER A 137 18.10 11.96 -12.64
C SER A 137 18.28 10.77 -13.56
N LEU A 138 18.41 11.05 -14.85
CA LEU A 138 18.45 10.02 -15.90
C LEU A 138 19.84 9.74 -16.46
N PRO A 139 20.13 8.45 -16.79
CA PRO A 139 21.45 8.10 -17.32
C PRO A 139 21.58 8.39 -18.81
N MET A 140 20.69 9.23 -19.35
CA MET A 140 20.69 9.57 -20.77
C MET A 140 20.33 11.03 -20.94
N ASP A 141 21.10 11.75 -21.76
CA ASP A 141 20.85 13.17 -21.99
C ASP A 141 19.74 13.42 -23.01
N THR A 142 19.21 12.34 -23.58
CA THR A 142 18.15 12.43 -24.59
C THR A 142 16.73 12.42 -23.99
N PHE A 143 16.64 12.15 -22.68
CA PHE A 143 15.38 12.23 -21.95
C PHE A 143 15.53 13.08 -20.70
N LYS A 144 14.41 13.66 -20.27
CA LYS A 144 14.32 14.37 -19.00
C LYS A 144 13.12 13.78 -18.27
N SER A 145 13.20 13.70 -16.94
CA SER A 145 12.08 13.17 -16.17
C SER A 145 11.88 13.89 -14.84
N HIS A 146 10.61 13.99 -14.43
CA HIS A 146 10.26 14.45 -13.08
C HIS A 146 8.99 13.80 -12.54
N VAL A 147 8.69 14.10 -11.28
CA VAL A 147 7.56 13.52 -10.56
C VAL A 147 6.61 14.64 -10.18
N LEU A 148 5.33 14.39 -10.35
CA LEU A 148 4.28 15.26 -9.86
C LEU A 148 3.55 14.54 -8.75
N ARG A 149 3.19 15.27 -7.70
CA ARG A 149 2.43 14.72 -6.59
C ARG A 149 1.04 15.33 -6.57
N GLU A 150 0.05 14.53 -6.98
CA GLU A 150 -1.32 14.99 -7.17
C GLU A 150 -2.22 14.36 -6.11
N PRO A 151 -3.36 14.99 -5.79
CA PRO A 151 -4.32 14.36 -4.91
C PRO A 151 -4.67 12.96 -5.42
N ILE A 152 -4.77 11.97 -4.53
CA ILE A 152 -5.22 10.64 -4.96
C ILE A 152 -6.68 10.64 -5.41
N GLY A 153 -7.44 11.66 -4.98
CA GLY A 153 -8.81 11.85 -5.46
C GLY A 153 -9.89 11.79 -4.39
N VAL A 154 -10.88 10.92 -4.61
CA VAL A 154 -11.99 10.79 -3.68
C VAL A 154 -11.67 9.68 -2.67
N VAL A 155 -11.51 10.07 -1.41
CA VAL A 155 -11.14 9.09 -0.38
C VAL A 155 -12.25 8.79 0.62
N GLY A 156 -12.43 7.50 0.92
CA GLY A 156 -13.29 7.06 2.01
C GLY A 156 -12.45 6.84 3.26
N LEU A 157 -12.83 7.51 4.35
CA LEU A 157 -12.09 7.46 5.61
C LEU A 157 -12.97 6.85 6.69
N ILE A 158 -12.59 5.67 7.18
CA ILE A 158 -13.46 4.90 8.08
C ILE A 158 -12.75 4.63 9.41
N THR A 159 -13.32 5.17 10.49
CA THR A 159 -12.60 5.30 11.76
C THR A 159 -13.34 4.69 12.97
N PRO A 160 -12.60 4.39 14.06
CA PRO A 160 -13.17 3.77 15.26
C PRO A 160 -13.51 4.78 16.37
N TRP A 161 -14.06 4.27 17.48
CA TRP A 161 -14.62 5.12 18.55
C TRP A 161 -13.69 5.47 19.70
N ASN A 162 -12.52 4.82 19.80
CA ASN A 162 -11.71 4.99 20.99
C ASN A 162 -11.02 6.36 21.09
N TYR A 163 -10.84 7.00 19.94
CA TYR A 163 -10.43 8.40 19.88
C TYR A 163 -11.28 8.99 18.75
N PRO A 164 -12.54 9.35 19.04
CA PRO A 164 -13.45 9.70 17.95
C PRO A 164 -12.92 10.81 17.04
N MET A 165 -12.69 12.00 17.59
CA MET A 165 -12.27 13.14 16.79
C MET A 165 -10.83 13.02 16.29
N LEU A 166 -9.94 12.54 17.16
CA LEU A 166 -8.52 12.40 16.84
C LEU A 166 -8.25 11.38 15.73
N MET A 167 -8.97 10.26 15.74
CA MET A 167 -8.80 9.22 14.71
C MET A 167 -9.33 9.69 13.38
N ALA A 168 -10.42 10.46 13.42
CA ALA A 168 -10.95 11.08 12.23
C ALA A 168 -9.92 12.04 11.64
N THR A 169 -9.30 12.84 12.52
CA THR A 169 -8.34 13.87 12.14
C THR A 169 -7.04 13.34 11.52
N TRP A 170 -6.49 12.28 12.12
CA TRP A 170 -5.33 11.57 11.59
C TRP A 170 -5.45 11.25 10.10
N LYS A 171 -6.67 11.02 9.65
CA LYS A 171 -6.94 10.76 8.24
C LYS A 171 -7.35 12.02 7.47
N VAL A 172 -8.28 12.79 8.04
CA VAL A 172 -8.85 13.98 7.38
C VAL A 172 -7.79 15.06 7.12
N ALA A 173 -6.96 15.36 8.12
CA ALA A 173 -5.94 16.40 7.96
C ALA A 173 -4.96 16.16 6.79
N PRO A 174 -4.36 14.95 6.68
CA PRO A 174 -3.43 14.73 5.58
C PRO A 174 -4.14 14.69 4.23
N ALA A 175 -5.32 14.08 4.21
CA ALA A 175 -6.13 13.94 3.00
C ALA A 175 -6.50 15.31 2.43
N LEU A 176 -6.89 16.23 3.29
CA LEU A 176 -7.22 17.58 2.85
C LEU A 176 -5.94 18.34 2.49
N ALA A 177 -4.88 18.16 3.27
CA ALA A 177 -3.59 18.78 2.95
C ALA A 177 -3.09 18.36 1.56
N ALA A 178 -3.45 17.14 1.15
CA ALA A 178 -3.03 16.59 -0.13
C ALA A 178 -3.94 17.00 -1.28
N GLY A 179 -5.00 17.73 -0.97
CA GLY A 179 -5.89 18.25 -2.00
C GLY A 179 -6.96 17.26 -2.41
N CYS A 180 -7.18 16.24 -1.58
CA CYS A 180 -8.24 15.25 -1.82
C CYS A 180 -9.58 15.81 -1.37
N ALA A 181 -10.65 15.08 -1.68
CA ALA A 181 -11.95 15.31 -1.11
C ALA A 181 -12.39 14.02 -0.42
N ALA A 182 -12.83 14.16 0.82
CA ALA A 182 -13.01 13.02 1.71
C ALA A 182 -14.46 12.76 2.09
N ILE A 183 -14.78 11.49 2.23
CA ILE A 183 -15.99 11.07 2.92
C ILE A 183 -15.57 10.33 4.19
N LEU A 184 -15.89 10.94 5.33
CA LEU A 184 -15.62 10.38 6.65
C LEU A 184 -16.80 9.57 7.17
N LYS A 185 -16.56 8.31 7.48
CA LYS A 185 -17.56 7.46 8.12
C LYS A 185 -17.08 7.12 9.54
N PRO A 186 -17.52 7.90 10.55
CA PRO A 186 -17.14 7.65 11.94
C PRO A 186 -17.90 6.47 12.53
N SER A 187 -17.44 6.00 13.67
CA SER A 187 -18.08 4.90 14.37
C SER A 187 -19.48 5.31 14.83
N GLU A 188 -20.45 4.41 14.66
CA GLU A 188 -21.80 4.63 15.16
C GLU A 188 -21.83 4.66 16.69
N LEU A 189 -20.76 4.22 17.35
CA LEU A 189 -20.68 4.27 18.81
C LEU A 189 -20.23 5.63 19.34
N ALA A 190 -19.58 6.43 18.50
CA ALA A 190 -19.15 7.77 18.92
C ALA A 190 -18.98 8.74 17.74
N SER A 191 -20.11 9.26 17.26
CA SER A 191 -20.08 10.19 16.14
C SER A 191 -20.31 11.67 16.49
N LEU A 192 -20.44 12.00 17.78
CA LEU A 192 -20.83 13.39 18.14
C LEU A 192 -19.80 14.45 17.73
N THR A 193 -18.56 14.27 18.13
CA THR A 193 -17.52 15.28 17.81
C THR A 193 -17.21 15.38 16.32
N CYS A 194 -17.36 14.27 15.59
CA CYS A 194 -17.14 14.26 14.16
C CYS A 194 -18.21 15.04 13.41
N LEU A 195 -19.46 14.91 13.82
CA LEU A 195 -20.54 15.76 13.31
C LEU A 195 -20.27 17.25 13.57
N GLU A 196 -19.72 17.57 14.74
CA GLU A 196 -19.32 18.95 15.07
C GLU A 196 -18.18 19.48 14.20
N LEU A 197 -17.39 18.55 13.65
CA LEU A 197 -16.40 18.91 12.63
C LEU A 197 -17.12 19.46 11.40
N GLY A 198 -18.30 18.91 11.12
CA GLY A 198 -19.18 19.41 10.06
C GLY A 198 -19.43 20.90 10.21
N GLU A 199 -19.93 21.29 11.38
CA GLU A 199 -20.20 22.69 11.70
C GLU A 199 -18.96 23.57 11.53
N ILE A 200 -17.81 23.04 11.94
CA ILE A 200 -16.57 23.79 11.84
C ILE A 200 -16.19 24.07 10.38
N CYS A 201 -16.46 23.09 9.50
CA CYS A 201 -16.22 23.25 8.07
C CYS A 201 -17.10 24.36 7.48
N LYS A 202 -18.38 24.38 7.85
CA LYS A 202 -19.28 25.47 7.46
C LYS A 202 -18.75 26.83 7.90
N GLU A 203 -18.36 26.92 9.16
CA GLU A 203 -17.87 28.17 9.76
C GLU A 203 -16.55 28.67 9.17
N VAL A 204 -15.74 27.74 8.68
CA VAL A 204 -14.42 28.07 8.11
C VAL A 204 -14.49 28.41 6.61
N GLY A 205 -15.59 28.01 5.98
CA GLY A 205 -15.78 28.24 4.55
C GLY A 205 -15.04 27.25 3.68
N LEU A 206 -14.80 26.05 4.21
CA LEU A 206 -14.19 24.97 3.42
C LEU A 206 -15.06 24.70 2.19
N PRO A 207 -14.45 24.67 0.99
CA PRO A 207 -15.22 24.45 -0.25
C PRO A 207 -16.15 23.22 -0.18
N PRO A 208 -17.40 23.38 -0.65
CA PRO A 208 -18.41 22.32 -0.56
C PRO A 208 -18.00 21.02 -1.25
N GLY A 209 -18.08 19.91 -0.52
CA GLY A 209 -17.78 18.59 -1.04
C GLY A 209 -16.40 18.10 -0.67
N VAL A 210 -15.53 19.02 -0.24
CA VAL A 210 -14.16 18.71 0.18
C VAL A 210 -14.12 17.77 1.39
N LEU A 211 -15.05 17.97 2.33
CA LEU A 211 -15.21 17.03 3.43
C LEU A 211 -16.67 16.73 3.68
N ASN A 212 -17.03 15.47 3.53
CA ASN A 212 -18.36 14.98 3.79
C ASN A 212 -18.34 14.00 4.96
N ILE A 213 -19.21 14.26 5.94
CA ILE A 213 -19.29 13.43 7.13
C ILE A 213 -20.57 12.61 7.13
N LEU A 214 -20.42 11.30 6.99
CA LEU A 214 -21.53 10.36 6.92
C LEU A 214 -21.53 9.44 8.13
N THR A 215 -22.47 9.69 9.03
CA THR A 215 -22.63 8.88 10.22
C THR A 215 -23.55 7.71 9.88
N GLY A 216 -23.35 6.57 10.55
CA GLY A 216 -24.20 5.40 10.36
C GLY A 216 -23.57 4.05 10.65
N LEU A 217 -24.34 3.00 10.41
CA LEU A 217 -23.92 1.61 10.60
C LEU A 217 -22.83 1.17 9.61
N GLY A 218 -21.89 0.38 10.11
CA GLY A 218 -20.76 -0.13 9.32
C GLY A 218 -21.13 -0.69 7.96
N PRO A 219 -21.98 -1.74 7.94
CA PRO A 219 -22.38 -2.36 6.67
C PRO A 219 -23.25 -1.46 5.78
N GLU A 220 -23.93 -0.48 6.38
CA GLU A 220 -24.82 0.39 5.61
C GLU A 220 -24.17 1.65 5.06
N ALA A 221 -23.22 2.21 5.80
CA ALA A 221 -22.62 3.50 5.44
C ALA A 221 -21.13 3.42 5.12
N GLY A 222 -20.44 2.51 5.79
CA GLY A 222 -19.00 2.32 5.55
C GLY A 222 -18.75 1.45 4.34
N ALA A 223 -19.46 0.31 4.28
CA ALA A 223 -19.24 -0.69 3.23
C ALA A 223 -19.39 -0.17 1.81
N PRO A 224 -20.43 0.67 1.54
CA PRO A 224 -20.55 1.17 0.15
C PRO A 224 -19.35 1.99 -0.33
N LEU A 225 -18.55 2.53 0.58
CA LEU A 225 -17.34 3.26 0.21
C LEU A 225 -16.34 2.34 -0.49
N ALA A 226 -16.21 1.11 0.01
CA ALA A 226 -15.24 0.14 -0.51
C ALA A 226 -15.64 -0.50 -1.83
N THR A 227 -16.91 -0.34 -2.23
CA THR A 227 -17.42 -0.91 -3.48
C THR A 227 -17.83 0.14 -4.51
N HIS A 228 -17.44 1.39 -4.28
CA HIS A 228 -17.86 2.49 -5.15
C HIS A 228 -16.78 2.79 -6.19
N PRO A 229 -17.11 2.62 -7.50
CA PRO A 229 -16.18 2.86 -8.60
C PRO A 229 -15.51 4.22 -8.56
N ASP A 230 -16.14 5.19 -7.91
CA ASP A 230 -15.61 6.54 -7.85
C ASP A 230 -14.79 6.84 -6.61
N VAL A 231 -14.67 5.87 -5.71
CA VAL A 231 -13.78 6.03 -4.57
C VAL A 231 -12.37 5.56 -4.94
N ASP A 232 -11.42 6.47 -4.90
CA ASP A 232 -10.04 6.16 -5.28
C ASP A 232 -9.30 5.33 -4.23
N LYS A 233 -9.59 5.57 -2.95
CA LYS A 233 -8.88 4.91 -1.86
C LYS A 233 -9.70 4.84 -0.58
N VAL A 234 -9.54 3.76 0.15
CA VAL A 234 -10.17 3.67 1.44
C VAL A 234 -9.10 3.58 2.50
N ALA A 235 -9.24 4.40 3.53
CA ALA A 235 -8.32 4.38 4.65
C ALA A 235 -9.10 3.99 5.89
N PHE A 236 -8.61 3.00 6.61
CA PHE A 236 -9.38 2.37 7.66
C PHE A 236 -8.58 2.10 8.92
N THR A 237 -9.24 2.31 10.05
CA THR A 237 -8.74 1.90 11.35
C THR A 237 -9.88 1.23 12.10
N GLY A 238 -9.60 0.06 12.68
CA GLY A 238 -10.61 -0.71 13.42
C GLY A 238 -10.21 -2.15 13.56
N SER A 239 -11.22 -3.03 13.71
CA SER A 239 -10.98 -4.46 13.92
C SER A 239 -10.40 -5.13 12.68
N SER A 240 -9.60 -6.18 12.91
CA SER A 240 -8.99 -6.95 11.82
C SER A 240 -10.06 -7.62 10.96
N ALA A 241 -11.14 -8.07 11.61
CA ALA A 241 -12.24 -8.71 10.91
C ALA A 241 -12.93 -7.74 9.95
N THR A 242 -13.16 -6.50 10.38
CA THR A 242 -13.76 -5.48 9.52
C THR A 242 -12.78 -5.08 8.42
N GLY A 243 -11.50 -4.95 8.80
CA GLY A 243 -10.41 -4.74 7.84
C GLY A 243 -10.40 -5.77 6.72
N SER A 244 -10.51 -7.06 7.10
CA SER A 244 -10.58 -8.16 6.12
C SER A 244 -11.74 -7.98 5.16
N LYS A 245 -12.88 -7.53 5.69
CA LYS A 245 -14.09 -7.35 4.92
C LYS A 245 -13.97 -6.19 3.93
N ILE A 246 -13.40 -5.09 4.39
CA ILE A 246 -13.22 -3.94 3.52
C ILE A 246 -12.23 -4.31 2.42
N MET A 247 -11.10 -4.90 2.80
CA MET A 247 -10.09 -5.32 1.82
C MET A 247 -10.67 -6.32 0.81
N THR A 248 -11.49 -7.24 1.29
CA THR A 248 -12.20 -8.20 0.42
C THR A 248 -13.06 -7.49 -0.62
N ALA A 249 -13.86 -6.51 -0.19
CA ALA A 249 -14.76 -5.82 -1.10
C ALA A 249 -14.01 -4.96 -2.11
N ALA A 250 -12.96 -4.30 -1.64
CA ALA A 250 -12.22 -3.36 -2.45
C ALA A 250 -11.44 -4.06 -3.56
N ALA A 251 -11.03 -5.29 -3.28
CA ALA A 251 -10.33 -6.13 -4.25
C ALA A 251 -11.11 -6.34 -5.54
N GLN A 252 -12.44 -6.26 -5.46
CA GLN A 252 -13.31 -6.44 -6.64
C GLN A 252 -13.12 -5.34 -7.68
N LEU A 253 -12.80 -4.15 -7.21
CA LEU A 253 -12.55 -3.03 -8.12
C LEU A 253 -11.08 -2.67 -8.05
N VAL A 254 -10.32 -3.55 -7.40
CA VAL A 254 -8.88 -3.45 -7.28
C VAL A 254 -8.48 -2.06 -6.68
N LYS A 255 -9.23 -1.68 -5.65
CA LYS A 255 -9.12 -0.37 -5.01
C LYS A 255 -8.10 -0.39 -3.86
N PRO A 256 -7.17 0.59 -3.82
CA PRO A 256 -6.20 0.67 -2.72
C PRO A 256 -6.89 0.83 -1.36
N VAL A 257 -6.38 0.08 -0.38
CA VAL A 257 -6.89 0.15 0.99
C VAL A 257 -5.72 0.23 1.98
N SER A 258 -5.85 1.06 3.01
CA SER A 258 -4.87 1.01 4.09
C SER A 258 -5.56 0.60 5.40
N LEU A 259 -4.89 -0.28 6.14
CA LEU A 259 -5.44 -0.85 7.35
C LEU A 259 -4.56 -0.61 8.56
N GLU A 260 -5.11 0.12 9.54
CA GLU A 260 -4.50 0.23 10.85
C GLU A 260 -5.41 -0.58 11.76
N LEU A 261 -4.89 -1.68 12.29
CA LEU A 261 -5.71 -2.65 13.01
C LEU A 261 -5.27 -2.80 14.46
N GLY A 262 -5.80 -3.78 15.18
CA GLY A 262 -5.42 -3.99 16.58
C GLY A 262 -4.12 -4.76 16.73
N GLY A 263 -3.84 -5.20 17.97
CA GLY A 263 -2.69 -6.04 18.22
C GLY A 263 -2.72 -6.68 19.59
N LYS A 264 -1.66 -7.40 19.90
CA LYS A 264 -1.38 -7.86 21.27
C LYS A 264 0.04 -7.46 21.68
N SER A 265 0.23 -6.16 21.93
CA SER A 265 1.57 -5.57 22.06
C SER A 265 2.25 -5.85 23.41
N PRO A 266 3.56 -6.17 23.37
CA PRO A 266 4.27 -6.50 24.59
C PRO A 266 5.01 -5.34 25.23
N LEU A 267 5.03 -5.34 26.55
CA LEU A 267 5.91 -4.50 27.33
C LEU A 267 6.90 -5.41 28.06
N VAL A 268 8.19 -5.18 27.84
CA VAL A 268 9.22 -5.96 28.51
C VAL A 268 9.90 -5.10 29.58
N VAL A 269 9.85 -5.57 30.81
CA VAL A 269 10.42 -4.85 31.95
C VAL A 269 11.55 -5.66 32.57
N PHE A 270 12.78 -5.17 32.43
CA PHE A 270 13.98 -5.81 32.99
C PHE A 270 14.16 -5.38 34.45
N GLU A 271 14.98 -6.11 35.20
CA GLU A 271 15.12 -5.90 36.65
C GLU A 271 15.74 -4.55 37.00
N ASP A 272 16.51 -3.97 36.08
CA ASP A 272 17.27 -2.76 36.38
C ASP A 272 16.47 -1.47 36.15
N VAL A 273 15.36 -1.32 36.88
CA VAL A 273 14.50 -0.15 36.68
C VAL A 273 13.89 0.39 37.98
N ASP A 274 13.53 1.68 37.98
CA ASP A 274 12.71 2.26 39.05
C ASP A 274 11.31 1.67 38.97
N LEU A 275 10.96 0.90 39.99
CA LEU A 275 9.70 0.16 40.03
C LEU A 275 8.44 1.04 39.94
N ASP A 276 8.46 2.22 40.56
CA ASP A 276 7.28 3.12 40.52
C ASP A 276 7.04 3.72 39.13
N LYS A 277 8.13 4.17 38.50
CA LYS A 277 8.09 4.68 37.11
C LYS A 277 7.64 3.60 36.13
N ALA A 278 8.24 2.43 36.25
CA ALA A 278 7.89 1.27 35.43
C ALA A 278 6.44 0.85 35.67
N ALA A 279 6.00 0.89 36.93
CA ALA A 279 4.62 0.56 37.27
C ALA A 279 3.63 1.52 36.62
N GLU A 280 3.93 2.82 36.66
CA GLU A 280 3.03 3.81 36.10
C GLU A 280 2.87 3.60 34.59
N TRP A 281 4.00 3.44 33.90
CA TRP A 281 4.01 3.20 32.46
C TRP A 281 3.27 1.93 32.03
N ALA A 282 3.36 0.87 32.83
CA ALA A 282 2.64 -0.37 32.54
C ALA A 282 1.13 -0.17 32.65
N ILE A 283 0.73 0.67 33.60
CA ILE A 283 -0.68 1.00 33.80
C ILE A 283 -1.18 1.87 32.65
N PHE A 284 -0.41 2.89 32.29
CA PHE A 284 -0.72 3.76 31.16
C PHE A 284 -0.80 2.96 29.85
N GLY A 285 0.05 1.94 29.73
CA GLY A 285 0.12 1.11 28.54
C GLY A 285 -1.04 0.15 28.36
N CYS A 286 -1.73 -0.18 29.44
CA CYS A 286 -2.85 -1.12 29.35
C CYS A 286 -4.21 -0.58 29.81
N PHE A 287 -4.22 0.34 30.78
CA PHE A 287 -5.50 0.82 31.34
C PHE A 287 -5.93 2.23 30.89
N TRP A 288 -4.96 3.04 30.44
CA TRP A 288 -5.24 4.37 29.88
C TRP A 288 -6.20 4.22 28.70
N THR A 289 -6.94 5.30 28.40
CA THR A 289 -8.12 5.24 27.51
C THR A 289 -9.08 4.05 27.75
N ASN A 290 -9.21 3.68 29.03
CA ASN A 290 -10.05 2.55 29.48
C ASN A 290 -9.64 1.20 28.87
N GLY A 291 -8.35 1.10 28.55
CA GLY A 291 -7.76 -0.12 28.00
C GLY A 291 -8.03 -0.30 26.52
N GLN A 292 -8.70 0.68 25.92
CA GLN A 292 -9.16 0.57 24.54
C GLN A 292 -8.13 1.19 23.58
N ILE A 293 -6.91 0.65 23.64
CA ILE A 293 -5.81 1.15 22.82
C ILE A 293 -5.41 0.03 21.86
N CYS A 294 -5.43 0.33 20.55
CA CYS A 294 -4.96 -0.61 19.53
C CYS A 294 -3.58 -1.11 19.87
N SER A 295 -2.69 -0.20 20.26
CA SER A 295 -1.30 -0.51 20.56
C SER A 295 -1.05 -0.83 22.03
N ALA A 296 -2.10 -1.20 22.76
CA ALA A 296 -2.00 -1.40 24.20
C ALA A 296 -0.98 -2.48 24.56
N THR A 297 -0.12 -2.18 25.52
CA THR A 297 0.80 -3.18 26.04
C THR A 297 0.06 -4.06 27.04
N SER A 298 -0.72 -4.99 26.48
CA SER A 298 -1.64 -5.83 27.23
C SER A 298 -1.01 -7.15 27.69
N ARG A 299 0.29 -7.29 27.43
CA ARG A 299 1.06 -8.44 27.87
C ARG A 299 2.28 -7.88 28.55
N LEU A 300 2.41 -8.18 29.84
CA LEU A 300 3.56 -7.73 30.62
C LEU A 300 4.60 -8.85 30.68
N ILE A 301 5.81 -8.54 30.25
CA ILE A 301 6.90 -9.49 30.27
C ILE A 301 7.92 -8.97 31.27
N LEU A 302 7.91 -9.61 32.44
CA LEU A 302 8.50 -9.07 33.65
C LEU A 302 9.61 -9.97 34.20
N HIS A 303 10.74 -9.36 34.55
CA HIS A 303 11.87 -10.12 35.06
C HIS A 303 11.53 -10.74 36.42
N GLU A 304 11.76 -12.06 36.51
CA GLU A 304 11.45 -12.83 37.72
C GLU A 304 12.05 -12.28 39.01
N SER A 305 13.26 -11.71 38.93
CA SER A 305 13.91 -11.19 40.13
C SER A 305 13.13 -10.05 40.82
N ILE A 306 12.32 -9.31 40.05
CA ILE A 306 11.54 -8.20 40.59
C ILE A 306 10.02 -8.41 40.53
N ALA A 307 9.60 -9.57 40.01
CA ALA A 307 8.19 -9.85 39.75
C ALA A 307 7.24 -9.62 40.93
N THR A 308 7.56 -10.23 42.08
CA THR A 308 6.75 -10.10 43.29
C THR A 308 6.56 -8.65 43.72
N GLU A 309 7.66 -7.92 43.83
CA GLU A 309 7.61 -6.54 44.30
C GLU A 309 7.11 -5.54 43.26
N PHE A 310 7.24 -5.90 41.97
CA PHE A 310 6.65 -5.07 40.91
C PHE A 310 5.14 -5.21 40.94
N LEU A 311 4.66 -6.44 41.02
CA LEU A 311 3.24 -6.70 41.00
C LEU A 311 2.55 -6.12 42.24
N ASN A 312 3.25 -6.10 43.37
CA ASN A 312 2.76 -5.46 44.59
C ASN A 312 2.60 -3.96 44.43
N ARG A 313 3.58 -3.31 43.81
CA ARG A 313 3.56 -1.86 43.56
C ARG A 313 2.47 -1.46 42.58
N ILE A 314 2.33 -2.24 41.51
CA ILE A 314 1.34 -1.94 40.47
C ILE A 314 -0.09 -2.03 41.03
N VAL A 315 -0.31 -3.02 41.89
CA VAL A 315 -1.60 -3.16 42.59
C VAL A 315 -1.89 -1.97 43.50
N LYS A 316 -0.85 -1.45 44.18
CA LYS A 316 -0.99 -0.24 44.99
C LYS A 316 -1.38 0.96 44.14
N TRP A 317 -0.74 1.10 42.97
CA TRP A 317 -1.07 2.17 42.02
C TRP A 317 -2.49 2.03 41.50
N ILE A 318 -2.90 0.81 41.18
CA ILE A 318 -4.26 0.54 40.69
C ILE A 318 -5.34 0.97 41.67
N LYS A 319 -5.09 0.74 42.96
CA LYS A 319 -6.02 1.10 44.03
C LYS A 319 -6.24 2.61 44.13
N ASN A 320 -5.23 3.39 43.71
CA ASN A 320 -5.34 4.85 43.65
C ASN A 320 -6.04 5.42 42.41
N ILE A 321 -6.31 4.58 41.41
CA ILE A 321 -7.03 5.03 40.21
C ILE A 321 -8.49 5.34 40.54
N LYS A 322 -8.88 6.60 40.46
CA LYS A 322 -10.27 6.95 40.67
C LYS A 322 -11.09 6.55 39.46
N ILE A 323 -12.06 5.67 39.69
CA ILE A 323 -12.95 5.26 38.63
C ILE A 323 -14.36 5.81 38.88
N SER A 324 -14.83 6.62 37.93
CA SER A 324 -16.09 7.32 38.05
C SER A 324 -16.60 7.78 36.70
N ASP A 325 -17.74 8.47 36.70
CA ASP A 325 -18.21 9.21 35.53
C ASP A 325 -17.04 10.02 34.98
N PRO A 326 -16.85 10.03 33.65
CA PRO A 326 -15.69 10.68 33.05
C PRO A 326 -15.61 12.19 33.31
N LEU A 327 -16.76 12.82 33.55
CA LEU A 327 -16.82 14.27 33.78
C LEU A 327 -16.44 14.65 35.20
N GLU A 328 -16.46 13.67 36.09
CA GLU A 328 -16.08 13.91 37.49
C GLU A 328 -14.62 14.31 37.63
N GLU A 329 -14.38 15.34 38.42
CA GLU A 329 -13.03 15.84 38.71
C GLU A 329 -12.10 14.72 39.17
N GLY A 330 -10.91 14.64 38.59
CA GLY A 330 -9.91 13.65 38.96
C GLY A 330 -10.10 12.23 38.44
N CYS A 331 -11.13 12.02 37.62
CA CYS A 331 -11.39 10.70 37.01
C CYS A 331 -10.17 10.23 36.23
N ARG A 332 -9.66 9.04 36.57
CA ARG A 332 -8.54 8.46 35.83
C ARG A 332 -8.91 7.13 35.15
N LEU A 333 -10.19 6.76 35.26
CA LEU A 333 -10.74 5.61 34.53
C LEU A 333 -12.25 5.72 34.40
N GLY A 334 -12.73 5.73 33.16
CA GLY A 334 -14.17 5.80 32.87
C GLY A 334 -14.72 4.44 32.48
N PRO A 335 -16.00 4.39 32.06
CA PRO A 335 -16.59 3.12 31.65
C PRO A 335 -16.14 2.76 30.24
N VAL A 336 -16.24 1.48 29.87
CA VAL A 336 -15.94 1.08 28.50
C VAL A 336 -17.05 1.60 27.60
N VAL A 337 -16.80 1.61 26.29
CA VAL A 337 -17.65 2.32 25.33
C VAL A 337 -19.11 1.86 25.28
N SER A 338 -19.36 0.57 25.46
CA SER A 338 -20.69 0.01 25.23
C SER A 338 -20.97 -1.26 26.03
N GLU A 339 -22.24 -1.64 26.07
CA GLU A 339 -22.67 -2.86 26.72
C GLU A 339 -22.00 -4.09 26.11
N GLY A 340 -22.03 -4.16 24.78
CA GLY A 340 -21.43 -5.28 24.06
C GLY A 340 -19.97 -5.48 24.41
N GLN A 341 -19.24 -4.36 24.50
CA GLN A 341 -17.83 -4.37 24.87
C GLN A 341 -17.64 -4.76 26.33
N TYR A 342 -18.48 -4.16 27.19
CA TYR A 342 -18.53 -4.51 28.62
C TYR A 342 -18.63 -6.01 28.84
N GLU A 343 -19.63 -6.64 28.20
CA GLU A 343 -19.85 -8.08 28.37
C GLU A 343 -18.74 -8.94 27.75
N LYS A 344 -18.23 -8.51 26.60
CA LYS A 344 -17.12 -9.19 25.94
C LYS A 344 -15.89 -9.25 26.86
N ILE A 345 -15.58 -8.13 27.51
CA ILE A 345 -14.40 -8.03 28.36
C ILE A 345 -14.51 -8.93 29.60
N LEU A 346 -15.67 -8.92 30.24
CA LEU A 346 -15.89 -9.76 31.41
C LEU A 346 -15.82 -11.25 31.05
N LYS A 347 -16.22 -11.57 29.82
CA LYS A 347 -16.11 -12.94 29.33
C LYS A 347 -14.64 -13.37 29.17
N PHE A 348 -13.78 -12.43 28.77
CA PHE A 348 -12.34 -12.72 28.69
C PHE A 348 -11.76 -13.07 30.06
N VAL A 349 -12.19 -12.32 31.08
CA VAL A 349 -11.74 -12.50 32.45
C VAL A 349 -12.17 -13.86 33.01
N SER A 350 -13.42 -14.26 32.76
CA SER A 350 -13.93 -15.54 33.25
C SER A 350 -13.39 -16.74 32.45
N ASN A 351 -13.17 -16.55 31.15
CA ASN A 351 -12.52 -17.56 30.32
C ASN A 351 -11.09 -17.80 30.76
N ALA A 352 -10.41 -16.71 31.16
CA ALA A 352 -9.07 -16.79 31.74
C ALA A 352 -9.07 -17.57 33.06
N LYS A 353 -10.15 -17.44 33.83
CA LYS A 353 -10.28 -18.19 35.08
C LYS A 353 -10.62 -19.66 34.78
N SER A 354 -11.47 -19.88 33.78
CA SER A 354 -11.85 -21.22 33.31
C SER A 354 -10.69 -22.03 32.73
N GLU A 355 -9.58 -21.37 32.44
CA GLU A 355 -8.43 -22.04 31.85
C GLU A 355 -7.29 -22.23 32.85
N GLY A 356 -7.47 -21.71 34.06
CA GLY A 356 -6.51 -21.91 35.15
C GLY A 356 -5.65 -20.72 35.51
N ALA A 357 -5.92 -19.56 34.89
CA ALA A 357 -5.18 -18.34 35.23
C ALA A 357 -5.73 -17.73 36.51
N THR A 358 -4.89 -16.93 37.17
CA THR A 358 -5.26 -16.24 38.39
C THR A 358 -5.63 -14.78 38.09
N ILE A 359 -6.62 -14.25 38.80
CA ILE A 359 -6.97 -12.83 38.74
C ILE A 359 -6.34 -12.13 39.94
N LEU A 360 -5.20 -11.48 39.73
CA LEU A 360 -4.45 -10.83 40.81
C LEU A 360 -5.23 -9.66 41.42
N THR A 361 -5.85 -8.84 40.57
CA THR A 361 -6.69 -7.73 41.01
C THR A 361 -7.78 -7.45 39.99
N GLY A 362 -8.84 -6.77 40.43
CA GLY A 362 -9.98 -6.46 39.56
C GLY A 362 -10.77 -7.69 39.14
N GLY A 363 -11.38 -7.64 37.96
CA GLY A 363 -12.09 -8.80 37.41
C GLY A 363 -13.58 -8.59 37.16
N SER A 364 -14.15 -7.59 37.81
CA SER A 364 -15.56 -7.27 37.65
C SER A 364 -15.79 -5.76 37.73
N ARG A 365 -17.06 -5.34 37.73
CA ARG A 365 -17.41 -3.93 37.90
C ARG A 365 -17.06 -3.46 39.30
N PRO A 366 -16.84 -2.14 39.48
CA PRO A 366 -16.54 -1.65 40.82
C PRO A 366 -17.80 -1.61 41.68
N GLU A 367 -17.65 -1.89 42.97
CA GLU A 367 -18.81 -2.05 43.85
C GLU A 367 -19.61 -0.76 43.99
N HIS A 368 -18.89 0.36 44.07
CA HIS A 368 -19.49 1.67 44.35
C HIS A 368 -20.24 2.31 43.18
N LEU A 369 -20.25 1.66 42.01
CA LEU A 369 -20.95 2.20 40.84
C LEU A 369 -21.99 1.22 40.29
N LYS A 370 -23.25 1.52 40.57
CA LYS A 370 -24.36 0.60 40.26
C LYS A 370 -24.78 0.63 38.79
N LYS A 371 -24.52 1.75 38.13
CA LYS A 371 -24.88 1.92 36.72
C LYS A 371 -23.64 2.24 35.88
N GLY A 372 -23.72 1.99 34.58
CA GLY A 372 -22.62 2.29 33.66
C GLY A 372 -21.66 1.13 33.47
N PHE A 373 -21.08 1.05 32.27
CA PHE A 373 -20.28 -0.12 31.87
C PHE A 373 -18.87 -0.06 32.43
N PHE A 374 -18.75 0.03 33.75
CA PHE A 374 -17.46 0.15 34.40
C PHE A 374 -16.85 -1.21 34.68
N ILE A 375 -15.54 -1.31 34.47
CA ILE A 375 -14.77 -2.51 34.81
C ILE A 375 -13.49 -2.06 35.53
N GLU A 376 -13.20 -2.72 36.64
CA GLU A 376 -11.98 -2.48 37.41
C GLU A 376 -10.73 -2.86 36.63
N PRO A 377 -9.64 -2.07 36.78
CA PRO A 377 -8.37 -2.48 36.19
C PRO A 377 -8.02 -3.89 36.66
N THR A 378 -7.70 -4.76 35.70
CA THR A 378 -7.56 -6.18 35.96
C THR A 378 -6.16 -6.67 35.62
N ILE A 379 -5.54 -7.36 36.57
CA ILE A 379 -4.26 -8.02 36.33
C ILE A 379 -4.45 -9.52 36.41
N ILE A 380 -4.10 -10.20 35.33
CA ILE A 380 -4.21 -11.65 35.25
C ILE A 380 -2.81 -12.28 35.22
N THR A 381 -2.56 -13.18 36.16
CA THR A 381 -1.25 -13.82 36.33
C THR A 381 -1.36 -15.34 36.22
N ASP A 382 -0.26 -16.06 36.45
CA ASP A 382 -0.16 -17.51 36.17
C ASP A 382 -0.67 -17.81 34.77
N VAL A 383 -0.09 -17.13 33.79
CA VAL A 383 -0.57 -17.21 32.42
C VAL A 383 0.30 -18.13 31.59
N THR A 384 -0.36 -18.97 30.78
CA THR A 384 0.30 -19.89 29.87
C THR A 384 0.02 -19.47 28.42
N THR A 385 1.00 -19.62 27.54
CA THR A 385 0.97 -19.04 26.19
C THR A 385 -0.20 -19.46 25.30
N ASN A 386 -0.74 -20.66 25.54
CA ASN A 386 -1.88 -21.15 24.76
C ASN A 386 -3.24 -20.63 25.24
N MET A 387 -3.24 -19.96 26.40
CA MET A 387 -4.46 -19.35 26.94
C MET A 387 -5.00 -18.27 26.01
N GLN A 388 -6.32 -18.16 25.94
CA GLN A 388 -6.99 -17.11 25.18
C GLN A 388 -6.50 -15.72 25.57
N ILE A 389 -6.41 -15.47 26.88
CA ILE A 389 -6.02 -14.16 27.40
C ILE A 389 -4.69 -13.67 26.84
N TRP A 390 -3.77 -14.62 26.58
CA TRP A 390 -2.44 -14.30 26.07
C TRP A 390 -2.41 -13.94 24.59
N ARG A 391 -3.29 -14.57 23.81
CA ARG A 391 -3.24 -14.48 22.34
C ARG A 391 -4.23 -13.50 21.72
N GLU A 392 -5.41 -13.35 22.33
CA GLU A 392 -6.46 -12.49 21.79
C GLU A 392 -6.49 -11.08 22.40
N GLU A 393 -6.87 -10.11 21.57
CA GLU A 393 -7.01 -8.72 22.00
C GLU A 393 -8.28 -8.60 22.82
N VAL A 394 -8.16 -8.03 24.01
CA VAL A 394 -9.27 -7.88 24.95
C VAL A 394 -10.00 -6.55 24.72
N PHE A 395 -9.21 -5.48 24.57
CA PHE A 395 -9.73 -4.11 24.35
C PHE A 395 -10.53 -3.61 25.55
N GLY A 396 -9.96 -3.83 26.73
CA GLY A 396 -10.48 -3.31 27.99
C GLY A 396 -9.36 -3.27 28.99
N PRO A 397 -9.63 -2.77 30.22
CA PRO A 397 -8.56 -2.57 31.18
C PRO A 397 -8.07 -3.89 31.81
N VAL A 398 -7.53 -4.77 30.97
CA VAL A 398 -7.10 -6.12 31.36
C VAL A 398 -5.66 -6.36 30.93
N LEU A 399 -4.77 -6.58 31.90
CA LEU A 399 -3.37 -6.87 31.65
C LEU A 399 -3.06 -8.30 32.10
N CYS A 400 -2.39 -9.07 31.25
CA CYS A 400 -1.89 -10.38 31.67
C CYS A 400 -0.38 -10.39 31.77
N VAL A 401 0.15 -11.18 32.70
CA VAL A 401 1.56 -11.13 33.05
C VAL A 401 2.25 -12.48 32.82
N LYS A 402 3.48 -12.43 32.31
CA LYS A 402 4.37 -13.57 32.26
C LYS A 402 5.77 -13.17 32.67
N THR A 403 6.51 -14.14 33.20
CA THR A 403 7.83 -13.89 33.76
C THR A 403 8.94 -14.42 32.86
N PHE A 404 10.14 -13.84 32.97
CA PHE A 404 11.31 -14.30 32.21
C PHE A 404 12.58 -14.11 33.05
N SER A 405 13.68 -14.71 32.60
CA SER A 405 14.99 -14.43 33.18
C SER A 405 16.01 -13.91 32.16
N THR A 406 16.03 -14.51 30.97
CA THR A 406 16.97 -14.09 29.95
C THR A 406 16.35 -13.16 28.92
N GLU A 407 17.15 -12.20 28.47
CA GLU A 407 16.82 -11.29 27.38
C GLU A 407 16.26 -12.04 26.17
N GLU A 408 16.86 -13.18 25.82
CA GLU A 408 16.43 -14.00 24.70
C GLU A 408 15.04 -14.61 24.92
N GLU A 409 14.73 -15.00 26.16
CA GLU A 409 13.40 -15.54 26.47
C GLU A 409 12.34 -14.44 26.37
N ALA A 410 12.71 -13.24 26.79
CA ALA A 410 11.80 -12.09 26.78
C ALA A 410 11.41 -11.71 25.36
N ILE A 411 12.40 -11.73 24.44
CA ILE A 411 12.16 -11.43 23.03
C ILE A 411 11.23 -12.46 22.41
N ASP A 412 11.48 -13.74 22.70
CA ASP A 412 10.65 -14.81 22.14
C ASP A 412 9.21 -14.71 22.65
N LEU A 413 9.07 -14.37 23.92
CA LEU A 413 7.76 -14.08 24.50
C LEU A 413 7.12 -12.85 23.84
N ALA A 414 7.92 -11.82 23.61
CA ALA A 414 7.44 -10.57 23.01
C ALA A 414 6.91 -10.77 21.59
N ASN A 415 7.58 -11.63 20.82
CA ASN A 415 7.22 -11.90 19.44
C ASN A 415 6.30 -13.11 19.29
N ASP A 416 5.89 -13.68 20.42
CA ASP A 416 4.97 -14.82 20.40
C ASP A 416 3.55 -14.31 20.19
N THR A 417 3.26 -13.92 18.95
CA THR A 417 1.97 -13.34 18.58
C THR A 417 1.86 -13.21 17.06
N VAL A 418 0.65 -13.38 16.54
CA VAL A 418 0.37 -13.14 15.12
C VAL A 418 0.38 -11.63 14.80
N TYR A 419 0.25 -10.80 15.83
CA TYR A 419 0.19 -9.34 15.67
C TYR A 419 1.57 -8.70 15.73
N GLY A 420 1.62 -7.39 15.48
CA GLY A 420 2.86 -6.64 15.53
C GLY A 420 2.65 -5.15 15.37
N LEU A 421 1.71 -4.59 16.13
CA LEU A 421 1.51 -3.15 16.13
C LEU A 421 2.59 -2.46 16.95
N GLY A 422 2.48 -2.54 18.28
CA GLY A 422 3.41 -1.86 19.18
C GLY A 422 4.26 -2.80 20.00
N ALA A 423 5.20 -2.21 20.75
CA ALA A 423 6.05 -2.92 21.68
C ALA A 423 6.81 -1.91 22.55
N ALA A 424 7.17 -2.32 23.77
CA ALA A 424 7.86 -1.45 24.72
C ALA A 424 8.91 -2.20 25.54
N VAL A 425 10.04 -1.55 25.78
CA VAL A 425 11.10 -2.07 26.63
C VAL A 425 11.40 -1.08 27.71
N ILE A 426 11.47 -1.56 28.94
CA ILE A 426 11.90 -0.73 30.06
C ILE A 426 13.12 -1.33 30.75
N SER A 427 14.23 -0.62 30.66
CA SER A 427 15.49 -1.02 31.28
C SER A 427 16.42 0.19 31.32
N ASN A 428 17.16 0.34 32.43
CA ASN A 428 18.19 1.39 32.53
C ASN A 428 19.39 1.16 31.61
N ASP A 429 19.57 -0.09 31.21
CA ASP A 429 20.63 -0.46 30.29
C ASP A 429 20.16 -0.12 28.87
N LEU A 430 20.58 1.06 28.39
CA LEU A 430 20.14 1.59 27.11
C LEU A 430 20.60 0.76 25.90
N GLU A 431 21.78 0.16 26.01
CA GLU A 431 22.28 -0.73 24.96
C GLU A 431 21.43 -2.01 24.88
N ARG A 432 20.90 -2.45 26.02
CA ARG A 432 19.95 -3.56 26.03
C ARG A 432 18.62 -3.14 25.39
N CYS A 433 18.17 -1.92 25.70
CA CYS A 433 16.99 -1.35 25.06
C CYS A 433 17.08 -1.40 23.53
N GLU A 434 18.19 -0.89 22.98
CA GLU A 434 18.43 -0.90 21.55
C GLU A 434 18.38 -2.30 20.92
N ARG A 435 18.96 -3.27 21.62
CA ARG A 435 18.97 -4.67 21.18
C ARG A 435 17.56 -5.23 21.12
N VAL A 436 16.80 -5.00 22.17
CA VAL A 436 15.41 -5.45 22.24
C VAL A 436 14.53 -4.68 21.23
N THR A 437 14.86 -3.41 20.98
CA THR A 437 14.10 -2.59 20.02
C THR A 437 14.20 -3.24 18.65
N LYS A 438 15.44 -3.44 18.20
CA LYS A 438 15.73 -4.05 16.92
C LYS A 438 15.07 -5.42 16.76
N ALA A 439 15.03 -6.19 17.85
CA ALA A 439 14.47 -7.55 17.83
C ALA A 439 12.95 -7.59 17.76
N PHE A 440 12.28 -6.57 18.31
CA PHE A 440 10.82 -6.50 18.28
C PHE A 440 10.29 -6.55 16.85
N LYS A 441 9.34 -7.44 16.60
CA LYS A 441 8.61 -7.42 15.34
C LYS A 441 7.38 -6.54 15.54
N ALA A 442 7.58 -5.24 15.42
CA ALA A 442 6.51 -4.25 15.63
C ALA A 442 6.73 -3.04 14.73
N GLY A 443 5.67 -2.26 14.51
CA GLY A 443 5.80 -1.01 13.76
C GLY A 443 6.22 0.15 14.64
N ILE A 444 5.88 0.04 15.93
CA ILE A 444 6.10 1.11 16.92
C ILE A 444 6.77 0.54 18.17
N VAL A 445 7.92 1.13 18.55
CA VAL A 445 8.61 0.70 19.74
C VAL A 445 8.82 1.87 20.69
N TRP A 446 8.50 1.64 21.96
CA TRP A 446 8.67 2.63 23.02
C TRP A 446 9.81 2.20 23.93
N VAL A 447 10.71 3.13 24.23
CA VAL A 447 11.82 2.86 25.13
C VAL A 447 11.65 3.66 26.42
N ASN A 448 11.66 2.93 27.55
CA ASN A 448 11.47 3.49 28.88
C ASN A 448 10.15 4.27 29.08
N CYS A 449 9.17 3.89 28.26
CA CYS A 449 7.80 4.38 28.40
C CYS A 449 6.89 3.38 27.68
N SER A 450 5.63 3.74 27.55
CA SER A 450 4.66 2.93 26.80
C SER A 450 3.48 3.82 26.41
N GLN A 451 3.24 3.94 25.10
CA GLN A 451 2.03 4.57 24.50
C GLN A 451 2.10 6.00 23.93
N PRO A 452 3.00 6.87 24.45
CA PRO A 452 2.98 8.26 23.97
C PRO A 452 3.04 8.33 22.45
N CYS A 453 2.18 9.14 21.87
CA CYS A 453 1.99 9.17 20.42
C CYS A 453 2.08 10.58 19.83
N PHE A 454 3.07 10.79 18.97
CA PHE A 454 3.33 12.09 18.33
C PHE A 454 2.91 12.08 16.87
N THR A 455 2.29 13.17 16.43
CA THR A 455 1.88 13.35 15.03
C THR A 455 3.07 13.35 14.05
N GLN A 456 4.25 13.76 14.53
CA GLN A 456 5.45 13.82 13.71
C GLN A 456 6.02 12.47 13.30
N ALA A 457 5.62 11.39 13.99
CA ALA A 457 6.25 10.08 13.81
C ALA A 457 5.32 9.04 13.17
N PRO A 458 5.85 8.23 12.22
CA PRO A 458 5.09 7.19 11.50
C PRO A 458 4.43 6.18 12.42
N TRP A 459 3.19 5.82 12.13
CA TRP A 459 2.37 4.99 12.99
C TRP A 459 1.67 3.89 12.20
N GLY A 460 1.95 2.63 12.55
CA GLY A 460 1.38 1.48 11.84
C GLY A 460 2.01 0.17 12.29
N GLY A 461 1.42 -0.95 11.87
CA GLY A 461 1.86 -2.25 12.31
C GLY A 461 2.48 -3.14 11.25
N VAL A 462 3.04 -4.26 11.72
CA VAL A 462 3.51 -5.35 10.86
C VAL A 462 2.68 -6.60 11.18
N LYS A 463 3.01 -7.72 10.53
CA LYS A 463 2.28 -9.00 10.70
C LYS A 463 0.77 -8.77 10.64
N ARG A 464 0.02 -9.32 11.59
CA ARG A 464 -1.45 -9.26 11.58
C ARG A 464 -2.04 -7.91 12.05
N SER A 465 -1.19 -6.92 12.29
CA SER A 465 -1.65 -5.61 12.77
C SER A 465 -1.88 -4.60 11.63
N GLY A 466 -1.85 -5.08 10.38
CA GLY A 466 -2.12 -4.24 9.23
C GLY A 466 -0.87 -3.72 8.53
N PHE A 467 -1.07 -2.78 7.60
CA PHE A 467 0.00 -2.27 6.77
C PHE A 467 -0.21 -0.82 6.42
N GLY A 468 0.86 -0.17 5.97
CA GLY A 468 0.84 1.25 5.71
C GLY A 468 1.17 1.99 6.99
N ARG A 469 1.68 3.21 6.83
CA ARG A 469 1.98 4.06 7.95
C ARG A 469 1.18 5.35 7.85
N GLU A 470 0.63 5.77 8.98
CA GLU A 470 -0.04 7.07 9.09
C GLU A 470 0.84 8.01 9.92
N LEU A 471 0.42 9.28 10.04
CA LEU A 471 1.15 10.32 10.78
C LEU A 471 2.50 10.66 10.15
N GLY A 472 3.09 11.77 10.58
CA GLY A 472 4.34 12.25 9.98
C GLY A 472 4.17 12.57 8.51
N GLU A 473 5.27 12.50 7.76
CA GLU A 473 5.22 12.72 6.31
C GLU A 473 4.59 11.54 5.58
N TRP A 474 4.70 10.35 6.17
CA TRP A 474 4.00 9.16 5.66
C TRP A 474 2.49 9.39 5.54
N GLY A 475 1.92 10.06 6.54
CA GLY A 475 0.48 10.37 6.54
C GLY A 475 0.06 11.16 5.31
N LEU A 476 0.84 12.19 4.97
CA LEU A 476 0.57 13.00 3.77
C LEU A 476 0.70 12.19 2.47
N ASP A 477 1.73 11.35 2.40
CA ASP A 477 2.00 10.58 1.19
C ASP A 477 0.94 9.54 0.87
N ASN A 478 0.17 9.14 1.88
CA ASN A 478 -0.95 8.22 1.70
C ASN A 478 -2.07 8.75 0.83
N TYR A 479 -2.10 10.08 0.68
CA TYR A 479 -3.19 10.70 -0.07
C TYR A 479 -2.73 11.34 -1.37
N LEU A 480 -1.47 11.09 -1.73
CA LEU A 480 -0.87 11.63 -2.93
C LEU A 480 -0.55 10.52 -3.93
N SER A 481 -1.05 10.65 -5.16
CA SER A 481 -0.62 9.78 -6.25
C SER A 481 0.64 10.33 -6.92
N VAL A 482 1.54 9.41 -7.26
CA VAL A 482 2.79 9.77 -7.90
C VAL A 482 2.58 9.67 -9.41
N LYS A 483 2.90 10.75 -10.12
CA LYS A 483 2.86 10.75 -11.58
C LYS A 483 4.25 10.96 -12.12
N GLN A 484 4.75 9.97 -12.86
CA GLN A 484 6.01 10.12 -13.59
C GLN A 484 5.73 10.85 -14.90
N VAL A 485 6.57 11.84 -15.20
CA VAL A 485 6.50 12.55 -16.48
C VAL A 485 7.87 12.51 -17.12
N THR A 486 7.99 11.70 -18.17
CA THR A 486 9.26 11.48 -18.88
C THR A 486 9.15 12.04 -20.30
N GLN A 487 10.07 12.94 -20.65
CA GLN A 487 10.01 13.67 -21.91
C GLN A 487 11.22 13.47 -22.79
N TYR A 488 10.98 13.00 -24.02
CA TYR A 488 11.99 12.90 -25.07
C TYR A 488 12.37 14.31 -25.56
N ILE A 489 13.64 14.68 -25.40
CA ILE A 489 14.10 16.03 -25.72
C ILE A 489 15.10 16.07 -26.88
N SER A 490 15.30 14.92 -27.51
CA SER A 490 16.20 14.80 -28.67
C SER A 490 15.43 15.13 -29.95
N GLU A 491 16.12 15.71 -30.93
CA GLU A 491 15.52 16.02 -32.21
C GLU A 491 15.71 14.86 -33.19
N GLU A 492 16.59 13.94 -32.83
CA GLU A 492 16.82 12.75 -33.63
C GLU A 492 15.60 11.85 -33.55
N PRO A 493 15.27 11.14 -34.66
CA PRO A 493 14.18 10.18 -34.60
C PRO A 493 14.56 9.02 -33.68
N TRP A 494 13.57 8.39 -33.07
CA TRP A 494 13.76 7.24 -32.19
C TRP A 494 14.70 6.20 -32.82
N GLY A 495 14.48 5.96 -34.11
CA GLY A 495 15.40 5.14 -34.90
C GLY A 495 15.39 3.67 -34.56
N TRP A 496 14.29 3.20 -33.99
CA TRP A 496 14.12 1.78 -33.69
C TRP A 496 13.58 1.04 -34.91
N TYR A 497 12.66 1.69 -35.62
CA TYR A 497 12.02 1.06 -36.77
C TYR A 497 12.62 1.55 -38.08
N GLN A 498 12.60 0.70 -39.11
CA GLN A 498 13.01 1.09 -40.46
C GLN A 498 12.02 2.05 -41.10
N PRO A 499 12.47 3.28 -41.41
CA PRO A 499 11.62 4.29 -42.04
C PRO A 499 11.27 3.91 -43.48
N PRO A 500 10.08 4.32 -43.96
CA PRO A 500 9.77 4.08 -45.36
C PRO A 500 10.81 4.80 -46.22
N ALA A 501 11.29 4.14 -47.27
CA ALA A 501 12.26 4.73 -48.19
C ALA A 501 11.79 6.08 -48.71
N LYS A 502 12.72 7.02 -48.82
CA LYS A 502 12.41 8.33 -49.37
C LYS A 502 12.25 8.19 -50.89
N LEU A 503 11.07 7.75 -51.30
CA LEU A 503 10.72 7.43 -52.70
C LEU A 503 11.06 5.99 -53.07
N PRO B 4 19.73 -27.41 -26.42
CA PRO B 4 20.03 -25.98 -26.21
C PRO B 4 19.25 -25.37 -25.03
N ILE B 5 17.98 -25.77 -24.89
CA ILE B 5 17.12 -25.30 -23.80
C ILE B 5 17.39 -26.11 -22.54
N PRO B 6 17.77 -25.42 -21.45
CA PRO B 6 18.16 -26.09 -20.20
C PRO B 6 17.02 -26.85 -19.55
N THR B 7 17.37 -27.91 -18.83
CA THR B 7 16.42 -28.67 -18.03
C THR B 7 16.75 -28.42 -16.56
N ARG B 8 15.79 -27.88 -15.81
CA ARG B 8 16.08 -27.46 -14.44
C ARG B 8 15.04 -27.96 -13.45
N GLN B 9 15.41 -27.89 -12.17
CA GLN B 9 14.49 -28.11 -11.07
C GLN B 9 14.03 -26.76 -10.51
N LEU B 10 13.22 -26.81 -9.45
CA LEU B 10 12.92 -25.61 -8.67
C LEU B 10 14.20 -25.20 -7.97
N PHE B 11 14.36 -23.90 -7.74
CA PHE B 11 15.51 -23.41 -6.99
C PHE B 11 15.07 -23.02 -5.59
N ILE B 12 15.50 -23.82 -4.62
CA ILE B 12 15.06 -23.67 -3.24
C ILE B 12 16.25 -23.84 -2.31
N ASN B 13 16.43 -22.89 -1.39
CA ASN B 13 17.47 -22.97 -0.37
C ASN B 13 18.87 -23.19 -0.95
N GLY B 14 19.20 -22.39 -1.96
CA GLY B 14 20.55 -22.34 -2.52
C GLY B 14 20.91 -23.42 -3.53
N ASP B 15 19.99 -24.33 -3.81
CA ASP B 15 20.27 -25.45 -4.71
C ASP B 15 19.03 -25.90 -5.47
N TRP B 16 19.23 -26.75 -6.47
CA TRP B 16 18.14 -27.30 -7.27
C TRP B 16 17.39 -28.37 -6.50
N LYS B 17 16.08 -28.43 -6.69
CA LYS B 17 15.24 -29.36 -5.93
C LYS B 17 13.97 -29.72 -6.71
N ALA B 18 13.74 -31.03 -6.86
CA ALA B 18 12.55 -31.51 -7.55
C ALA B 18 11.28 -31.06 -6.84
N PRO B 19 10.21 -30.75 -7.60
CA PRO B 19 8.94 -30.52 -6.95
C PRO B 19 8.55 -31.75 -6.12
N VAL B 20 7.88 -31.55 -4.99
CA VAL B 20 7.52 -32.66 -4.11
C VAL B 20 6.68 -33.70 -4.86
N LEU B 21 5.75 -33.24 -5.69
CA LEU B 21 4.90 -34.13 -6.45
C LEU B 21 5.48 -34.44 -7.83
N ASN B 22 6.66 -33.87 -8.11
CA ASN B 22 7.44 -34.14 -9.32
C ASN B 22 6.74 -33.90 -10.68
N LYS B 23 5.74 -33.02 -10.72
CA LYS B 23 5.07 -32.68 -11.97
CA LYS B 23 5.05 -32.66 -11.96
C LYS B 23 5.88 -31.67 -12.78
N ARG B 24 5.64 -31.64 -14.09
CA ARG B 24 6.34 -30.74 -15.01
C ARG B 24 5.39 -30.30 -16.11
N ILE B 25 5.66 -29.15 -16.70
CA ILE B 25 4.82 -28.61 -17.77
C ILE B 25 5.63 -28.25 -19.02
N PRO B 26 5.00 -28.28 -20.21
CA PRO B 26 5.66 -27.99 -21.49
C PRO B 26 6.26 -26.59 -21.62
N VAL B 27 7.30 -26.49 -22.45
CA VAL B 27 7.77 -25.21 -22.95
C VAL B 27 7.48 -25.19 -24.45
N ILE B 28 6.71 -24.19 -24.89
CA ILE B 28 6.38 -24.03 -26.29
C ILE B 28 7.14 -22.84 -26.86
N ASN B 29 7.67 -23.02 -28.07
CA ASN B 29 8.28 -21.92 -28.82
C ASN B 29 7.20 -21.28 -29.69
N PRO B 30 6.78 -20.04 -29.34
CA PRO B 30 5.66 -19.39 -30.02
C PRO B 30 5.89 -19.18 -31.52
N ALA B 31 7.15 -19.21 -31.95
CA ALA B 31 7.49 -18.98 -33.35
C ALA B 31 7.26 -20.20 -34.24
N THR B 32 7.21 -21.38 -33.63
CA THR B 32 7.12 -22.63 -34.37
C THR B 32 5.99 -23.54 -33.89
N GLN B 33 5.52 -23.26 -32.67
CA GLN B 33 4.47 -24.04 -31.99
C GLN B 33 4.94 -25.40 -31.47
N ASN B 34 6.24 -25.67 -31.55
CA ASN B 34 6.77 -26.95 -31.07
C ASN B 34 7.09 -26.97 -29.59
N ILE B 35 6.84 -28.12 -28.96
CA ILE B 35 7.28 -28.36 -27.58
C ILE B 35 8.80 -28.47 -27.60
N ILE B 36 9.48 -27.65 -26.80
CA ILE B 36 10.94 -27.57 -26.82
C ILE B 36 11.61 -27.95 -25.49
N GLY B 37 10.81 -28.45 -24.56
CA GLY B 37 11.35 -28.86 -23.27
C GLY B 37 10.27 -28.77 -22.23
N ASP B 38 10.68 -28.78 -20.96
CA ASP B 38 9.74 -28.62 -19.87
C ASP B 38 10.35 -27.93 -18.67
N ILE B 39 9.49 -27.39 -17.82
CA ILE B 39 9.87 -26.75 -16.57
C ILE B 39 9.13 -27.41 -15.39
N PRO B 40 9.73 -27.39 -14.19
CA PRO B 40 9.02 -27.99 -13.05
C PRO B 40 7.77 -27.20 -12.67
N ALA B 41 6.75 -27.91 -12.19
CA ALA B 41 5.45 -27.34 -11.86
C ALA B 41 5.19 -27.41 -10.36
N ALA B 42 5.50 -26.33 -9.64
CA ALA B 42 5.39 -26.33 -8.17
C ALA B 42 3.95 -26.35 -7.64
N THR B 43 3.79 -26.94 -6.46
CA THR B 43 2.51 -26.98 -5.77
C THR B 43 2.70 -26.40 -4.37
N LYS B 44 1.63 -26.39 -3.58
CA LYS B 44 1.66 -25.84 -2.22
C LYS B 44 2.80 -26.40 -1.36
N GLU B 45 3.07 -27.69 -1.47
CA GLU B 45 4.11 -28.31 -0.66
C GLU B 45 5.51 -27.80 -1.02
N ASP B 46 5.65 -27.26 -2.23
CA ASP B 46 6.90 -26.63 -2.64
C ASP B 46 6.97 -25.21 -2.07
N VAL B 47 5.85 -24.50 -2.15
CA VAL B 47 5.72 -23.18 -1.53
C VAL B 47 6.07 -23.29 -0.05
N ASP B 48 5.45 -24.25 0.64
CA ASP B 48 5.72 -24.48 2.06
C ASP B 48 7.20 -24.66 2.36
N VAL B 49 7.90 -25.45 1.55
CA VAL B 49 9.35 -25.64 1.70
C VAL B 49 10.13 -24.34 1.44
N ALA B 50 9.76 -23.65 0.37
CA ALA B 50 10.43 -22.41 -0.03
C ALA B 50 10.24 -21.31 1.02
N VAL B 51 9.01 -21.17 1.51
CA VAL B 51 8.71 -20.18 2.53
C VAL B 51 9.51 -20.46 3.82
N ALA B 52 9.46 -21.71 4.29
CA ALA B 52 10.28 -22.11 5.45
C ALA B 52 11.77 -21.79 5.22
N ALA B 53 12.27 -22.05 4.02
CA ALA B 53 13.67 -21.74 3.71
C ALA B 53 13.94 -20.24 3.77
N ALA B 54 12.99 -19.45 3.30
CA ALA B 54 13.09 -17.98 3.35
C ALA B 54 13.15 -17.47 4.78
N LYS B 55 12.25 -17.98 5.64
CA LYS B 55 12.20 -17.65 7.07
C LYS B 55 13.57 -17.82 7.70
N THR B 56 14.11 -19.04 7.56
CA THR B 56 15.39 -19.42 8.14
C THR B 56 16.50 -18.50 7.65
N ALA B 57 16.47 -18.17 6.35
CA ALA B 57 17.50 -17.31 5.76
C ALA B 57 17.55 -15.93 6.41
N LEU B 58 16.40 -15.47 6.91
CA LEU B 58 16.30 -14.17 7.57
C LEU B 58 16.82 -14.23 9.01
N THR B 59 16.59 -15.33 9.70
CA THR B 59 16.94 -15.45 11.11
C THR B 59 18.34 -16.04 11.34
N ARG B 60 18.81 -16.87 10.40
CA ARG B 60 20.11 -17.55 10.47
C ARG B 60 21.24 -16.62 10.92
N ASN B 61 22.01 -17.08 11.89
CA ASN B 61 23.18 -16.35 12.42
C ASN B 61 22.85 -14.94 12.89
N LYS B 62 21.68 -14.79 13.53
CA LYS B 62 21.20 -13.49 13.99
C LYS B 62 20.96 -12.53 12.83
N GLY B 63 20.67 -13.11 11.65
CA GLY B 63 20.45 -12.35 10.42
C GLY B 63 21.70 -11.72 9.82
N ALA B 64 22.86 -12.11 10.34
CA ALA B 64 24.14 -11.44 10.04
C ALA B 64 24.67 -11.61 8.61
N ASP B 65 24.27 -12.67 7.92
CA ASP B 65 24.72 -12.89 6.54
C ASP B 65 23.86 -12.17 5.50
N TRP B 66 22.63 -11.84 5.85
CA TRP B 66 21.74 -11.16 4.91
C TRP B 66 20.90 -10.04 5.56
N ALA B 67 19.87 -10.42 6.31
CA ALA B 67 18.87 -9.48 6.85
C ALA B 67 19.43 -8.31 7.67
N THR B 68 20.34 -8.61 8.60
CA THR B 68 20.90 -7.58 9.49
C THR B 68 22.29 -7.12 9.08
N ALA B 69 22.81 -7.70 8.00
CA ALA B 69 24.06 -7.22 7.40
C ALA B 69 23.87 -5.79 6.91
N SER B 70 24.96 -5.09 6.65
CA SER B 70 24.86 -3.76 6.11
C SER B 70 24.46 -3.83 4.64
N GLY B 71 23.93 -2.72 4.13
CA GLY B 71 23.53 -2.62 2.72
C GLY B 71 24.66 -2.95 1.77
N ALA B 72 25.86 -2.45 2.09
CA ALA B 72 27.06 -2.66 1.28
C ALA B 72 27.41 -4.14 1.06
N VAL B 73 27.05 -4.99 2.01
CA VAL B 73 27.24 -6.44 1.89
C VAL B 73 26.29 -7.03 0.84
N ARG B 74 25.01 -6.66 0.93
CA ARG B 74 24.03 -7.07 -0.06
C ARG B 74 24.36 -6.51 -1.44
N ALA B 75 24.87 -5.28 -1.47
CA ALA B 75 25.26 -4.59 -2.70
C ALA B 75 26.27 -5.38 -3.52
N ARG B 76 27.22 -6.02 -2.83
CA ARG B 76 28.26 -6.81 -3.49
C ARG B 76 27.63 -8.02 -4.18
N TYR B 77 26.68 -8.65 -3.51
CA TYR B 77 25.96 -9.76 -4.10
C TYR B 77 25.22 -9.30 -5.36
N LEU B 78 24.58 -8.12 -5.29
CA LEU B 78 23.79 -7.60 -6.41
C LEU B 78 24.65 -7.13 -7.59
N ARG B 79 25.83 -6.59 -7.31
CA ARG B 79 26.77 -6.25 -8.38
C ARG B 79 27.30 -7.50 -9.08
N ALA B 80 27.58 -8.54 -8.30
CA ALA B 80 28.05 -9.81 -8.84
C ALA B 80 26.99 -10.53 -9.68
N ILE B 81 25.73 -10.42 -9.27
CA ILE B 81 24.63 -10.95 -10.05
C ILE B 81 24.55 -10.19 -11.38
N ALA B 82 24.69 -8.86 -11.31
CA ALA B 82 24.66 -8.02 -12.50
C ALA B 82 25.77 -8.37 -13.51
N ALA B 83 26.99 -8.58 -13.01
CA ALA B 83 28.11 -8.91 -13.90
C ALA B 83 27.91 -10.27 -14.55
N LYS B 84 27.31 -11.19 -13.80
CA LYS B 84 27.03 -12.55 -14.28
C LYS B 84 25.98 -12.56 -15.39
N VAL B 85 24.99 -11.67 -15.27
CA VAL B 85 23.93 -11.51 -16.28
C VAL B 85 24.51 -10.95 -17.59
N THR B 86 25.29 -9.88 -17.46
CA THR B 86 26.05 -9.31 -18.57
C THR B 86 26.93 -10.37 -19.26
N GLU B 87 27.58 -11.23 -18.48
CA GLU B 87 28.39 -12.31 -19.02
C GLU B 87 27.60 -13.29 -19.87
N LYS B 88 26.40 -13.67 -19.40
CA LYS B 88 25.57 -14.65 -20.12
C LYS B 88 24.55 -13.97 -21.03
N LYS B 89 24.75 -12.69 -21.32
CA LYS B 89 23.80 -11.93 -22.15
C LYS B 89 23.42 -12.63 -23.47
N PRO B 90 24.41 -13.03 -24.30
CA PRO B 90 24.03 -13.65 -25.58
C PRO B 90 23.11 -14.85 -25.41
N GLU B 91 23.40 -15.71 -24.43
CA GLU B 91 22.57 -16.89 -24.18
C GLU B 91 21.21 -16.53 -23.56
N LEU B 92 21.21 -15.64 -22.57
CA LEU B 92 19.98 -15.24 -21.89
C LEU B 92 18.97 -14.55 -22.82
N ALA B 93 19.46 -13.63 -23.66
CA ALA B 93 18.60 -12.97 -24.63
C ALA B 93 17.97 -13.94 -25.63
N LYS B 94 18.75 -14.93 -26.08
CA LYS B 94 18.26 -15.95 -27.01
C LYS B 94 17.19 -16.82 -26.36
N LEU B 95 17.42 -17.24 -25.11
CA LEU B 95 16.42 -18.01 -24.37
C LEU B 95 15.12 -17.23 -24.14
N GLU B 96 15.26 -15.92 -23.92
CA GLU B 96 14.11 -15.03 -23.77
C GLU B 96 13.26 -14.99 -25.03
N SER B 97 13.91 -14.72 -26.16
CA SER B 97 13.24 -14.71 -27.48
C SER B 97 12.59 -16.02 -27.83
N ILE B 98 13.27 -17.11 -27.49
CA ILE B 98 12.74 -18.45 -27.74
C ILE B 98 11.51 -18.71 -26.86
N ASP B 99 11.58 -18.27 -25.61
CA ASP B 99 10.57 -18.60 -24.59
C ASP B 99 9.29 -17.77 -24.72
N CYS B 100 9.44 -16.47 -24.98
CA CYS B 100 8.29 -15.56 -24.97
C CYS B 100 7.93 -14.95 -26.33
N GLY B 101 8.88 -14.98 -27.27
CA GLY B 101 8.61 -14.58 -28.65
C GLY B 101 8.97 -13.16 -29.07
N LYS B 102 9.58 -12.39 -28.18
CA LYS B 102 9.97 -11.03 -28.54
C LYS B 102 11.22 -11.00 -29.43
N PRO B 103 11.27 -10.05 -30.38
CA PRO B 103 12.46 -9.90 -31.24
C PRO B 103 13.72 -9.98 -30.41
N LEU B 104 14.78 -10.56 -30.98
CA LEU B 104 16.05 -10.71 -30.27
C LEU B 104 16.64 -9.37 -29.84
N ASP B 105 16.51 -8.35 -30.67
CA ASP B 105 17.00 -7.02 -30.32
C ASP B 105 16.25 -6.44 -29.12
N GLU B 106 15.01 -6.90 -28.91
CA GLU B 106 14.26 -6.49 -27.72
C GLU B 106 14.78 -7.22 -26.48
N ALA B 107 14.92 -8.54 -26.59
CA ALA B 107 15.45 -9.37 -25.51
C ALA B 107 16.83 -8.89 -25.04
N ALA B 108 17.70 -8.54 -25.97
CA ALA B 108 19.03 -7.99 -25.64
C ALA B 108 18.91 -6.72 -24.82
N TRP B 109 17.98 -5.85 -25.20
CA TRP B 109 17.68 -4.64 -24.43
C TRP B 109 17.21 -4.98 -23.01
N ASP B 110 16.28 -5.92 -22.90
CA ASP B 110 15.82 -6.42 -21.60
C ASP B 110 16.96 -6.91 -20.70
N ILE B 111 17.90 -7.66 -21.27
CA ILE B 111 19.01 -8.23 -20.50
C ILE B 111 20.00 -7.14 -20.02
N ASP B 112 20.25 -6.15 -20.86
CA ASP B 112 21.04 -4.99 -20.40
C ASP B 112 20.34 -4.35 -19.17
N ASP B 113 19.02 -4.19 -19.24
CA ASP B 113 18.27 -3.54 -18.15
C ASP B 113 18.17 -4.38 -16.88
N VAL B 114 18.15 -5.70 -17.01
CA VAL B 114 18.25 -6.61 -15.85
C VAL B 114 19.54 -6.33 -15.07
N ALA B 115 20.67 -6.33 -15.77
CA ALA B 115 21.97 -5.99 -15.18
C ALA B 115 21.93 -4.58 -14.63
N GLY B 116 21.39 -3.66 -15.41
CA GLY B 116 21.21 -2.26 -15.02
C GLY B 116 20.39 -2.07 -13.77
N CYS B 117 19.35 -2.90 -13.60
CA CYS B 117 18.48 -2.81 -12.44
C CYS B 117 19.17 -3.28 -11.16
N PHE B 118 19.83 -4.44 -11.22
CA PHE B 118 20.59 -4.98 -10.10
C PHE B 118 21.66 -3.98 -9.63
N GLU B 119 22.38 -3.36 -10.56
CA GLU B 119 23.38 -2.34 -10.22
C GLU B 119 22.75 -1.11 -9.58
N TYR B 120 21.63 -0.65 -10.14
CA TYR B 120 20.89 0.46 -9.56
C TYR B 120 20.53 0.21 -8.10
N TYR B 121 19.90 -0.94 -7.82
CA TYR B 121 19.53 -1.29 -6.45
C TYR B 121 20.72 -1.67 -5.55
N ALA B 122 21.86 -2.02 -6.15
CA ALA B 122 23.07 -2.26 -5.38
C ALA B 122 23.53 -0.93 -4.79
N ASP B 123 23.50 0.11 -5.62
CA ASP B 123 23.84 1.46 -5.18
C ASP B 123 22.87 1.98 -4.10
N LEU B 124 21.58 1.63 -4.24
CA LEU B 124 20.61 1.99 -3.22
C LEU B 124 20.86 1.28 -1.88
N ALA B 125 21.33 0.04 -1.97
CA ALA B 125 21.71 -0.75 -0.80
C ALA B 125 22.88 -0.13 -0.01
N GLU B 126 23.90 0.34 -0.73
CA GLU B 126 25.02 1.05 -0.09
C GLU B 126 24.55 2.33 0.62
N LYS B 127 23.60 3.03 0.02
CA LYS B 127 23.07 4.27 0.62
C LYS B 127 22.15 4.03 1.82
N LEU B 128 21.65 2.80 1.94
CA LEU B 128 20.66 2.44 2.97
C LEU B 128 21.16 2.55 4.42
N ASP B 129 22.41 2.17 4.67
CA ASP B 129 22.98 2.17 6.02
C ASP B 129 22.93 3.56 6.66
N ALA B 130 23.24 4.58 5.87
CA ALA B 130 23.24 5.97 6.34
C ALA B 130 21.82 6.51 6.54
N ARG B 131 20.84 5.80 5.99
CA ARG B 131 19.42 6.19 6.09
C ARG B 131 18.78 5.69 7.38
N GLN B 132 19.39 4.69 8.01
CA GLN B 132 18.94 4.14 9.28
C GLN B 132 19.04 5.15 10.42
N LYS B 133 18.17 4.98 11.43
CA LYS B 133 18.09 5.85 12.61
C LYS B 133 17.86 7.31 12.23
N ALA B 134 16.95 7.53 11.27
CA ALA B 134 16.62 8.89 10.84
C ALA B 134 15.87 9.60 11.96
N PRO B 135 16.44 10.72 12.46
CA PRO B 135 15.83 11.46 13.56
C PRO B 135 14.49 12.06 13.16
N VAL B 136 13.51 11.94 14.05
CA VAL B 136 12.22 12.61 13.90
C VAL B 136 12.20 13.73 14.93
N SER B 137 11.94 14.95 14.46
CA SER B 137 11.95 16.13 15.33
C SER B 137 10.64 16.20 16.12
N LEU B 138 10.76 16.32 17.43
CA LEU B 138 9.63 16.26 18.37
C LEU B 138 9.37 17.59 19.08
N PRO B 139 8.09 17.94 19.31
CA PRO B 139 7.73 19.20 19.95
C PRO B 139 7.79 19.13 21.48
N MET B 140 8.65 18.24 22.00
CA MET B 140 8.91 18.10 23.44
C MET B 140 10.33 17.60 23.61
N ASP B 141 11.05 18.17 24.57
CA ASP B 141 12.44 17.77 24.82
C ASP B 141 12.56 16.62 25.82
N THR B 142 11.41 16.09 26.25
CA THR B 142 11.36 14.96 27.18
C THR B 142 11.30 13.59 26.48
N PHE B 143 11.05 13.60 25.17
CA PHE B 143 11.15 12.42 24.32
C PHE B 143 12.12 12.66 23.16
N LYS B 144 12.74 11.58 22.69
CA LYS B 144 13.43 11.56 21.40
C LYS B 144 12.78 10.46 20.55
N SER B 145 12.85 10.60 19.22
CA SER B 145 12.31 9.59 18.31
C SER B 145 13.15 9.46 17.02
N HIS B 146 13.29 8.23 16.54
CA HIS B 146 13.86 8.00 15.21
C HIS B 146 13.20 6.85 14.46
N VAL B 147 13.60 6.65 13.21
CA VAL B 147 13.04 5.62 12.33
C VAL B 147 14.09 4.58 11.96
N LEU B 148 13.76 3.32 12.12
CA LEU B 148 14.56 2.25 11.54
C LEU B 148 13.84 1.70 10.30
N ARG B 149 14.62 1.31 9.29
CA ARG B 149 14.06 0.69 8.10
C ARG B 149 14.53 -0.75 8.00
N GLU B 150 13.63 -1.68 8.23
CA GLU B 150 13.96 -3.10 8.33
C GLU B 150 13.40 -3.82 7.12
N PRO B 151 13.95 -5.00 6.78
CA PRO B 151 13.37 -5.79 5.70
C PRO B 151 11.93 -6.07 6.03
N ILE B 152 11.03 -5.92 5.08
CA ILE B 152 9.63 -6.30 5.33
C ILE B 152 9.51 -7.79 5.68
N GLY B 153 10.48 -8.59 5.24
CA GLY B 153 10.57 -10.01 5.61
C GLY B 153 10.59 -11.02 4.45
N VAL B 154 9.69 -11.99 4.52
CA VAL B 154 9.53 -13.00 3.48
C VAL B 154 8.56 -12.47 2.41
N VAL B 155 9.04 -12.32 1.18
CA VAL B 155 8.19 -11.78 0.11
C VAL B 155 7.93 -12.77 -1.00
N GLY B 156 6.69 -12.82 -1.46
CA GLY B 156 6.33 -13.61 -2.64
C GLY B 156 6.16 -12.69 -3.82
N LEU B 157 6.81 -13.03 -4.92
CA LEU B 157 6.89 -12.18 -6.10
C LEU B 157 6.30 -12.94 -7.27
N ILE B 158 5.21 -12.41 -7.84
CA ILE B 158 4.49 -13.12 -8.88
C ILE B 158 4.44 -12.28 -10.15
N THR B 159 5.05 -12.79 -11.22
CA THR B 159 5.37 -11.98 -12.39
C THR B 159 4.82 -12.54 -13.70
N PRO B 160 4.71 -11.67 -14.74
CA PRO B 160 4.16 -11.99 -16.05
C PRO B 160 5.23 -12.34 -17.09
N TRP B 161 4.79 -12.72 -18.28
CA TRP B 161 5.67 -13.27 -19.33
C TRP B 161 6.14 -12.27 -20.39
N ASN B 162 5.56 -11.08 -20.45
CA ASN B 162 5.90 -10.15 -21.52
C ASN B 162 7.34 -9.63 -21.43
N TYR B 163 7.88 -9.56 -20.22
CA TYR B 163 9.30 -9.23 -19.99
C TYR B 163 9.79 -10.17 -18.89
N PRO B 164 10.02 -11.46 -19.22
CA PRO B 164 10.24 -12.51 -18.22
C PRO B 164 11.29 -12.18 -17.17
N MET B 165 12.55 -12.03 -17.58
CA MET B 165 13.63 -11.81 -16.62
C MET B 165 13.56 -10.42 -15.97
N LEU B 166 13.24 -9.42 -16.79
CA LEU B 166 13.17 -8.03 -16.35
C LEU B 166 12.07 -7.76 -15.32
N MET B 167 10.90 -8.37 -15.50
CA MET B 167 9.80 -8.18 -14.54
C MET B 167 10.19 -8.78 -13.20
N ALA B 168 10.78 -9.97 -13.24
CA ALA B 168 11.28 -10.64 -12.04
C ALA B 168 12.31 -9.75 -11.35
N THR B 169 13.21 -9.17 -12.13
CA THR B 169 14.28 -8.33 -11.62
C THR B 169 13.77 -7.07 -10.93
N TRP B 170 12.86 -6.35 -11.58
CA TRP B 170 12.18 -5.19 -10.98
C TRP B 170 11.73 -5.42 -9.54
N LYS B 171 11.35 -6.65 -9.21
CA LYS B 171 10.92 -7.01 -7.87
C LYS B 171 12.07 -7.58 -7.03
N VAL B 172 12.85 -8.49 -7.63
CA VAL B 172 13.93 -9.18 -6.91
C VAL B 172 15.03 -8.24 -6.44
N ALA B 173 15.46 -7.34 -7.31
CA ALA B 173 16.59 -6.47 -6.98
C ALA B 173 16.34 -5.58 -5.75
N PRO B 174 15.23 -4.81 -5.73
CA PRO B 174 14.97 -4.00 -4.53
C PRO B 174 14.67 -4.82 -3.26
N ALA B 175 13.94 -5.92 -3.42
CA ALA B 175 13.64 -6.83 -2.32
C ALA B 175 14.92 -7.39 -1.67
N LEU B 176 15.87 -7.80 -2.49
CA LEU B 176 17.14 -8.30 -1.99
C LEU B 176 17.96 -7.14 -1.41
N ALA B 177 17.89 -5.99 -2.07
CA ALA B 177 18.61 -4.81 -1.57
C ALA B 177 18.11 -4.40 -0.18
N ALA B 178 16.82 -4.62 0.08
CA ALA B 178 16.21 -4.22 1.34
C ALA B 178 16.48 -5.24 2.45
N GLY B 179 16.99 -6.41 2.09
CA GLY B 179 17.33 -7.45 3.06
C GLY B 179 16.26 -8.51 3.23
N CYS B 180 15.35 -8.60 2.26
CA CYS B 180 14.24 -9.55 2.31
C CYS B 180 14.72 -10.91 1.80
N ALA B 181 13.84 -11.91 1.92
CA ALA B 181 14.06 -13.20 1.31
C ALA B 181 12.84 -13.50 0.44
N ALA B 182 13.10 -13.90 -0.79
CA ALA B 182 12.08 -13.88 -1.82
C ALA B 182 11.74 -15.27 -2.32
N ILE B 183 10.46 -15.46 -2.61
CA ILE B 183 10.01 -16.58 -3.44
C ILE B 183 9.48 -15.95 -4.73
N LEU B 184 10.18 -16.19 -5.82
CA LEU B 184 9.78 -15.69 -7.13
C LEU B 184 9.00 -16.76 -7.87
N LYS B 185 7.81 -16.40 -8.34
CA LYS B 185 6.95 -17.29 -9.07
C LYS B 185 6.72 -16.69 -10.45
N PRO B 186 7.55 -17.09 -11.43
CA PRO B 186 7.47 -16.54 -12.78
C PRO B 186 6.30 -17.13 -13.54
N SER B 187 5.95 -16.52 -14.65
CA SER B 187 4.89 -17.03 -15.51
C SER B 187 5.24 -18.41 -16.07
N GLU B 188 4.27 -19.30 -16.07
CA GLU B 188 4.43 -20.64 -16.67
C GLU B 188 4.63 -20.58 -18.19
N LEU B 189 4.23 -19.46 -18.80
CA LEU B 189 4.43 -19.27 -20.24
C LEU B 189 5.86 -18.85 -20.59
N ALA B 190 6.63 -18.43 -19.59
CA ALA B 190 8.03 -18.03 -19.81
C ALA B 190 8.83 -18.03 -18.51
N SER B 191 9.45 -19.17 -18.21
CA SER B 191 10.19 -19.35 -16.95
C SER B 191 11.68 -19.64 -17.16
N LEU B 192 12.08 -19.89 -18.41
CA LEU B 192 13.47 -20.28 -18.71
C LEU B 192 14.55 -19.36 -18.13
N THR B 193 14.49 -18.06 -18.42
CA THR B 193 15.50 -17.12 -17.92
C THR B 193 15.45 -16.91 -16.40
N CYS B 194 14.27 -17.04 -15.81
CA CYS B 194 14.15 -16.92 -14.36
C CYS B 194 14.80 -18.12 -13.66
N LEU B 195 14.58 -19.31 -14.19
CA LEU B 195 15.31 -20.51 -13.74
C LEU B 195 16.83 -20.35 -13.85
N GLU B 196 17.29 -19.72 -14.92
CA GLU B 196 18.72 -19.43 -15.11
C GLU B 196 19.24 -18.39 -14.12
N LEU B 197 18.34 -17.57 -13.59
CA LEU B 197 18.66 -16.69 -12.47
C LEU B 197 19.10 -17.53 -11.26
N GLY B 198 18.49 -18.70 -11.10
CA GLY B 198 18.86 -19.65 -10.04
C GLY B 198 20.33 -20.02 -10.07
N GLU B 199 20.78 -20.45 -11.24
CA GLU B 199 22.17 -20.81 -11.50
C GLU B 199 23.12 -19.66 -11.15
N ILE B 200 22.74 -18.45 -11.55
CA ILE B 200 23.55 -17.28 -11.24
C ILE B 200 23.65 -17.05 -9.72
N CYS B 201 22.56 -17.30 -9.00
CA CYS B 201 22.58 -17.21 -7.52
C CYS B 201 23.60 -18.21 -6.94
N LYS B 202 23.53 -19.46 -7.39
CA LYS B 202 24.52 -20.49 -7.03
C LYS B 202 25.95 -20.01 -7.25
N GLU B 203 26.20 -19.48 -8.44
CA GLU B 203 27.54 -19.05 -8.87
C GLU B 203 28.05 -17.82 -8.12
N VAL B 204 27.13 -17.01 -7.62
CA VAL B 204 27.45 -15.81 -6.85
C VAL B 204 27.65 -16.14 -5.35
N GLY B 205 27.15 -17.31 -4.95
CA GLY B 205 27.19 -17.74 -3.56
C GLY B 205 26.16 -17.03 -2.70
N LEU B 206 25.08 -16.58 -3.32
CA LEU B 206 24.04 -15.90 -2.57
C LEU B 206 23.52 -16.82 -1.46
N PRO B 207 23.42 -16.32 -0.22
CA PRO B 207 23.03 -17.16 0.93
C PRO B 207 21.76 -17.99 0.68
N PRO B 208 21.77 -19.27 1.12
CA PRO B 208 20.65 -20.18 0.83
C PRO B 208 19.32 -19.75 1.45
N GLY B 209 18.28 -19.67 0.62
CA GLY B 209 16.95 -19.27 1.06
C GLY B 209 16.63 -17.80 0.80
N VAL B 210 17.63 -17.00 0.48
CA VAL B 210 17.45 -15.60 0.16
C VAL B 210 16.64 -15.37 -1.12
N LEU B 211 16.91 -16.16 -2.16
CA LEU B 211 16.05 -16.16 -3.34
C LEU B 211 15.67 -17.57 -3.69
N ASN B 212 14.37 -17.81 -3.78
CA ASN B 212 13.83 -19.11 -4.16
C ASN B 212 12.93 -18.95 -5.39
N ILE B 213 13.19 -19.74 -6.43
CA ILE B 213 12.43 -19.65 -7.66
C ILE B 213 11.56 -20.88 -7.84
N LEU B 214 10.24 -20.65 -7.91
CA LEU B 214 9.25 -21.71 -8.03
C LEU B 214 8.46 -21.51 -9.31
N THR B 215 8.63 -22.40 -10.27
CA THR B 215 7.89 -22.30 -11.51
C THR B 215 6.65 -23.18 -11.38
N GLY B 216 5.62 -22.90 -12.18
CA GLY B 216 4.38 -23.67 -12.13
C GLY B 216 3.12 -22.89 -12.47
N LEU B 217 1.98 -23.55 -12.38
CA LEU B 217 0.68 -22.93 -12.62
C LEU B 217 0.31 -21.92 -11.54
N GLY B 218 -0.24 -20.80 -11.96
CA GLY B 218 -0.68 -19.72 -11.07
C GLY B 218 -1.42 -20.18 -9.83
N PRO B 219 -2.55 -20.91 -10.00
CA PRO B 219 -3.30 -21.40 -8.84
C PRO B 219 -2.54 -22.41 -7.98
N GLU B 220 -1.60 -23.14 -8.58
CA GLU B 220 -0.87 -24.16 -7.82
C GLU B 220 0.34 -23.62 -7.08
N ALA B 221 1.03 -22.65 -7.69
CA ALA B 221 2.31 -22.17 -7.16
C ALA B 221 2.26 -20.72 -6.72
N GLY B 222 1.45 -19.92 -7.40
CA GLY B 222 1.29 -18.51 -7.03
C GLY B 222 0.33 -18.36 -5.87
N ALA B 223 -0.87 -18.92 -6.01
CA ALA B 223 -1.94 -18.79 -5.04
C ALA B 223 -1.53 -19.01 -3.58
N PRO B 224 -0.75 -20.08 -3.30
CA PRO B 224 -0.43 -20.35 -1.88
C PRO B 224 0.53 -19.34 -1.22
N LEU B 225 1.14 -18.46 -2.02
CA LEU B 225 1.97 -17.39 -1.46
C LEU B 225 1.07 -16.34 -0.76
N ALA B 226 -0.12 -16.13 -1.32
CA ALA B 226 -1.04 -15.11 -0.80
C ALA B 226 -1.85 -15.59 0.41
N THR B 227 -1.75 -16.88 0.73
CA THR B 227 -2.49 -17.45 1.85
C THR B 227 -1.57 -18.05 2.89
N HIS B 228 -0.28 -17.71 2.84
CA HIS B 228 0.69 -18.31 3.74
C HIS B 228 1.01 -17.36 4.89
N PRO B 229 0.76 -17.82 6.14
CA PRO B 229 1.01 -17.05 7.37
C PRO B 229 2.40 -16.40 7.44
N ASP B 230 3.39 -17.02 6.82
CA ASP B 230 4.76 -16.57 6.96
C ASP B 230 5.24 -15.69 5.82
N VAL B 231 4.36 -15.43 4.85
CA VAL B 231 4.66 -14.49 3.79
C VAL B 231 4.21 -13.10 4.23
N ASP B 232 5.15 -12.17 4.27
CA ASP B 232 4.88 -10.83 4.79
C ASP B 232 4.23 -9.92 3.75
N LYS B 233 4.46 -10.21 2.47
CA LYS B 233 3.95 -9.36 1.40
C LYS B 233 3.97 -10.09 0.07
N VAL B 234 2.94 -9.87 -0.72
CA VAL B 234 2.91 -10.36 -2.09
C VAL B 234 3.01 -9.18 -3.03
N ALA B 235 4.00 -9.23 -3.92
CA ALA B 235 4.12 -8.23 -4.98
C ALA B 235 3.81 -8.85 -6.33
N PHE B 236 2.88 -8.24 -7.05
CA PHE B 236 2.30 -8.84 -8.24
C PHE B 236 2.21 -7.91 -9.45
N THR B 237 2.59 -8.44 -10.61
CA THR B 237 2.33 -7.80 -11.89
C THR B 237 1.64 -8.82 -12.80
N GLY B 238 0.56 -8.39 -13.45
CA GLY B 238 -0.19 -9.21 -14.39
C GLY B 238 -1.58 -8.68 -14.59
N SER B 239 -2.52 -9.56 -14.92
CA SER B 239 -3.89 -9.15 -15.20
C SER B 239 -4.63 -8.61 -13.96
N SER B 240 -5.54 -7.68 -14.21
CA SER B 240 -6.45 -7.15 -13.21
C SER B 240 -7.24 -8.27 -12.53
N ALA B 241 -7.70 -9.23 -13.33
CA ALA B 241 -8.46 -10.37 -12.82
C ALA B 241 -7.66 -11.20 -11.83
N THR B 242 -6.40 -11.48 -12.14
CA THR B 242 -5.56 -12.28 -11.23
C THR B 242 -5.19 -11.44 -10.00
N GLY B 243 -4.99 -10.14 -10.21
CA GLY B 243 -4.79 -9.19 -9.11
C GLY B 243 -5.89 -9.27 -8.08
N SER B 244 -7.14 -9.19 -8.53
CA SER B 244 -8.30 -9.32 -7.65
C SER B 244 -8.23 -10.56 -6.79
N LYS B 245 -7.95 -11.70 -7.44
CA LYS B 245 -7.96 -13.00 -6.76
C LYS B 245 -6.91 -13.06 -5.67
N ILE B 246 -5.71 -12.59 -6.00
CA ILE B 246 -4.61 -12.54 -5.04
C ILE B 246 -4.92 -11.58 -3.89
N MET B 247 -5.47 -10.41 -4.23
CA MET B 247 -5.86 -9.42 -3.20
C MET B 247 -6.98 -9.98 -2.32
N THR B 248 -7.98 -10.60 -2.95
CA THR B 248 -9.04 -11.31 -2.24
C THR B 248 -8.46 -12.26 -1.21
N ALA B 249 -7.57 -13.16 -1.65
CA ALA B 249 -7.03 -14.20 -0.78
C ALA B 249 -6.20 -13.62 0.35
N ALA B 250 -5.38 -12.62 0.04
CA ALA B 250 -4.49 -12.00 1.03
C ALA B 250 -5.27 -11.31 2.16
N ALA B 251 -6.45 -10.79 1.81
CA ALA B 251 -7.35 -10.14 2.78
C ALA B 251 -7.64 -11.00 4.00
N GLN B 252 -7.82 -12.30 3.78
CA GLN B 252 -8.10 -13.26 4.87
C GLN B 252 -7.05 -13.25 5.96
N LEU B 253 -5.84 -12.81 5.63
CA LEU B 253 -4.73 -12.68 6.58
C LEU B 253 -4.24 -11.24 6.64
N VAL B 254 -5.06 -10.31 6.16
CA VAL B 254 -4.68 -8.88 6.04
C VAL B 254 -3.22 -8.69 5.59
N LYS B 255 -2.85 -9.41 4.52
CA LYS B 255 -1.50 -9.38 3.98
C LYS B 255 -1.35 -8.25 2.95
N PRO B 256 -0.33 -7.39 3.13
CA PRO B 256 -0.11 -6.33 2.13
C PRO B 256 0.17 -6.90 0.75
N VAL B 257 -0.45 -6.30 -0.24
CA VAL B 257 -0.30 -6.72 -1.63
C VAL B 257 -0.07 -5.45 -2.47
N SER B 258 0.87 -5.52 -3.41
CA SER B 258 1.03 -4.43 -4.36
C SER B 258 0.71 -4.94 -5.75
N LEU B 259 0.02 -4.12 -6.53
CA LEU B 259 -0.50 -4.55 -7.83
C LEU B 259 -0.11 -3.65 -8.98
N GLU B 260 0.64 -4.23 -9.93
CA GLU B 260 0.89 -3.59 -11.20
C GLU B 260 0.03 -4.31 -12.24
N LEU B 261 -0.95 -3.61 -12.80
CA LEU B 261 -1.92 -4.23 -13.71
C LEU B 261 -1.87 -3.67 -15.13
N GLY B 262 -2.81 -4.11 -15.98
CA GLY B 262 -2.90 -3.61 -17.35
C GLY B 262 -3.54 -2.24 -17.44
N GLY B 263 -3.92 -1.84 -18.65
CA GLY B 263 -4.51 -0.53 -18.89
C GLY B 263 -5.04 -0.40 -20.29
N LYS B 264 -5.57 0.78 -20.61
CA LYS B 264 -5.91 1.17 -21.98
C LYS B 264 -5.36 2.57 -22.21
N SER B 265 -4.04 2.66 -22.32
CA SER B 265 -3.36 3.96 -22.29
C SER B 265 -3.58 4.73 -23.57
N PRO B 266 -3.80 6.05 -23.45
CA PRO B 266 -3.95 6.91 -24.61
C PRO B 266 -2.66 7.57 -25.06
N LEU B 267 -2.47 7.65 -26.38
CA LEU B 267 -1.53 8.57 -26.98
C LEU B 267 -2.33 9.66 -27.72
N VAL B 268 -2.06 10.91 -27.35
CA VAL B 268 -2.72 12.03 -27.98
C VAL B 268 -1.73 12.74 -28.92
N VAL B 269 -2.07 12.79 -30.21
CA VAL B 269 -1.21 13.45 -31.19
C VAL B 269 -1.86 14.72 -31.76
N PHE B 270 -1.26 15.85 -31.43
CA PHE B 270 -1.70 17.15 -31.94
C PHE B 270 -1.11 17.40 -33.35
N GLU B 271 -1.60 18.45 -34.01
CA GLU B 271 -1.23 18.71 -35.40
C GLU B 271 0.19 19.22 -35.58
N ASP B 272 0.70 19.96 -34.59
CA ASP B 272 2.01 20.61 -34.71
C ASP B 272 3.19 19.66 -34.46
N VAL B 273 3.25 18.57 -35.22
CA VAL B 273 4.34 17.61 -35.08
C VAL B 273 4.89 17.06 -36.42
N ASP B 274 6.15 16.65 -36.41
CA ASP B 274 6.77 15.89 -37.48
C ASP B 274 6.08 14.52 -37.55
N LEU B 275 5.39 14.27 -38.66
CA LEU B 275 4.55 13.08 -38.80
C LEU B 275 5.29 11.74 -38.70
N ASP B 276 6.50 11.65 -39.24
CA ASP B 276 7.27 10.40 -39.22
C ASP B 276 7.79 10.07 -37.81
N LYS B 277 8.14 11.10 -37.05
CA LYS B 277 8.55 10.93 -35.64
C LYS B 277 7.38 10.44 -34.80
N ALA B 278 6.25 11.11 -34.94
CA ALA B 278 5.02 10.77 -34.23
C ALA B 278 4.44 9.44 -34.68
N ALA B 279 4.66 9.10 -35.95
CA ALA B 279 4.24 7.80 -36.47
C ALA B 279 5.09 6.67 -35.90
N GLU B 280 6.38 6.90 -35.70
CA GLU B 280 7.25 5.87 -35.14
C GLU B 280 6.96 5.60 -33.67
N TRP B 281 6.69 6.65 -32.92
CA TRP B 281 6.35 6.54 -31.50
C TRP B 281 5.02 5.83 -31.29
N ALA B 282 4.07 6.04 -32.19
CA ALA B 282 2.76 5.40 -32.10
C ALA B 282 2.84 3.88 -32.30
N ILE B 283 3.68 3.48 -33.26
CA ILE B 283 3.96 2.06 -33.51
C ILE B 283 4.67 1.42 -32.31
N PHE B 284 5.70 2.10 -31.82
CA PHE B 284 6.44 1.64 -30.64
C PHE B 284 5.50 1.50 -29.44
N GLY B 285 4.58 2.47 -29.32
CA GLY B 285 3.64 2.52 -28.22
C GLY B 285 2.61 1.41 -28.21
N CYS B 286 2.31 0.85 -29.38
CA CYS B 286 1.28 -0.19 -29.45
C CYS B 286 1.75 -1.56 -29.97
N PHE B 287 2.83 -1.60 -30.77
CA PHE B 287 3.23 -2.83 -31.49
C PHE B 287 4.52 -3.48 -30.97
N TRP B 288 5.43 -2.65 -30.45
CA TRP B 288 6.64 -3.13 -29.77
C TRP B 288 6.26 -4.11 -28.65
N THR B 289 7.20 -5.02 -28.30
CA THR B 289 6.93 -6.17 -27.41
C THR B 289 5.78 -7.03 -27.95
N ASN B 290 5.62 -7.00 -29.28
CA ASN B 290 4.53 -7.67 -29.98
C ASN B 290 3.15 -7.25 -29.46
N GLY B 291 3.08 -6.01 -29.00
CA GLY B 291 1.84 -5.40 -28.50
C GLY B 291 1.51 -5.77 -27.07
N GLN B 292 2.41 -6.50 -26.41
CA GLN B 292 2.17 -7.02 -25.06
C GLN B 292 2.79 -6.11 -23.98
N ILE B 293 2.37 -4.85 -24.00
CA ILE B 293 2.85 -3.84 -23.07
C ILE B 293 1.69 -3.44 -22.18
N CYS B 294 1.85 -3.62 -20.87
CA CYS B 294 0.82 -3.20 -19.92
C CYS B 294 0.43 -1.74 -20.13
N SER B 295 1.45 -0.90 -20.33
CA SER B 295 1.26 0.54 -20.52
C SER B 295 1.13 0.95 -21.99
N ALA B 296 0.72 0.01 -22.84
CA ALA B 296 0.64 0.26 -24.28
C ALA B 296 -0.36 1.38 -24.59
N THR B 297 0.11 2.37 -25.34
CA THR B 297 -0.77 3.38 -25.91
C THR B 297 -1.56 2.76 -27.07
N SER B 298 -2.56 1.98 -26.70
CA SER B 298 -3.39 1.23 -27.64
C SER B 298 -4.58 2.04 -28.16
N ARG B 299 -4.65 3.32 -27.76
CA ARG B 299 -5.67 4.24 -28.24
C ARG B 299 -5.01 5.46 -28.81
N LEU B 300 -5.15 5.63 -30.12
CA LEU B 300 -4.64 6.81 -30.79
C LEU B 300 -5.70 7.90 -30.80
N ILE B 301 -5.36 9.03 -30.21
CA ILE B 301 -6.23 10.18 -30.19
C ILE B 301 -5.55 11.22 -31.07
N LEU B 302 -6.09 11.35 -32.29
CA LEU B 302 -5.39 11.99 -33.38
C LEU B 302 -6.14 13.23 -33.89
N HIS B 303 -5.44 14.37 -33.95
CA HIS B 303 -6.05 15.61 -34.42
C HIS B 303 -6.53 15.45 -35.86
N GLU B 304 -7.81 15.72 -36.08
CA GLU B 304 -8.48 15.41 -37.35
C GLU B 304 -7.88 16.07 -38.59
N SER B 305 -7.23 17.21 -38.40
CA SER B 305 -6.60 17.92 -39.51
C SER B 305 -5.48 17.10 -40.17
N ILE B 306 -4.84 16.22 -39.38
CA ILE B 306 -3.73 15.40 -39.90
C ILE B 306 -4.05 13.90 -39.96
N ALA B 307 -5.25 13.54 -39.51
CA ALA B 307 -5.70 12.15 -39.48
C ALA B 307 -5.28 11.38 -40.75
N THR B 308 -5.73 11.86 -41.90
CA THR B 308 -5.52 11.17 -43.19
C THR B 308 -4.06 10.90 -43.48
N GLU B 309 -3.23 11.94 -43.46
CA GLU B 309 -1.82 11.80 -43.81
C GLU B 309 -1.00 11.07 -42.74
N PHE B 310 -1.43 11.16 -41.47
CA PHE B 310 -0.77 10.43 -40.39
C PHE B 310 -1.00 8.94 -40.60
N LEU B 311 -2.25 8.59 -40.85
CA LEU B 311 -2.62 7.20 -41.07
C LEU B 311 -1.96 6.62 -42.30
N ASN B 312 -1.80 7.44 -43.35
CA ASN B 312 -1.07 7.04 -44.54
C ASN B 312 0.37 6.73 -44.20
N ARG B 313 1.01 7.64 -43.45
CA ARG B 313 2.41 7.49 -43.04
C ARG B 313 2.61 6.27 -42.14
N ILE B 314 1.74 6.13 -41.13
CA ILE B 314 1.87 5.04 -40.16
C ILE B 314 1.74 3.67 -40.82
N VAL B 315 0.87 3.57 -41.82
CA VAL B 315 0.68 2.33 -42.59
C VAL B 315 1.96 1.99 -43.37
N LYS B 316 2.59 3.01 -43.96
CA LYS B 316 3.84 2.83 -44.68
C LYS B 316 4.93 2.27 -43.78
N TRP B 317 5.09 2.89 -42.60
CA TRP B 317 6.03 2.40 -41.58
C TRP B 317 5.73 0.95 -41.21
N ILE B 318 4.45 0.62 -41.05
CA ILE B 318 4.05 -0.76 -40.71
C ILE B 318 4.52 -1.74 -41.78
N LYS B 319 4.49 -1.31 -43.04
CA LYS B 319 4.86 -2.17 -44.17
C LYS B 319 6.36 -2.51 -44.20
N ASN B 320 7.16 -1.67 -43.56
CA ASN B 320 8.59 -1.91 -43.38
C ASN B 320 8.96 -2.79 -42.17
N ILE B 321 7.98 -3.12 -41.34
CA ILE B 321 8.23 -3.95 -40.15
C ILE B 321 8.40 -5.43 -40.52
N LYS B 322 9.63 -5.92 -40.39
CA LYS B 322 9.92 -7.33 -40.68
C LYS B 322 9.34 -8.22 -39.59
N ILE B 323 8.36 -9.02 -39.99
CA ILE B 323 7.74 -9.97 -39.08
C ILE B 323 8.24 -11.38 -39.40
N SER B 324 8.89 -12.01 -38.42
CA SER B 324 9.52 -13.32 -38.60
C SER B 324 9.77 -14.03 -37.28
N ASP B 325 10.42 -15.19 -37.35
CA ASP B 325 11.02 -15.82 -36.17
C ASP B 325 11.92 -14.78 -35.48
N PRO B 326 11.82 -14.65 -34.15
CA PRO B 326 12.52 -13.62 -33.38
C PRO B 326 14.03 -13.66 -33.51
N LEU B 327 14.59 -14.83 -33.78
CA LEU B 327 16.04 -14.99 -33.86
C LEU B 327 16.64 -14.52 -35.19
N GLU B 328 15.79 -14.37 -36.20
CA GLU B 328 16.20 -13.87 -37.52
C GLU B 328 16.69 -12.42 -37.45
N GLU B 329 17.84 -12.17 -38.08
CA GLU B 329 18.41 -10.83 -38.19
C GLU B 329 17.37 -9.81 -38.64
N GLY B 330 17.39 -8.64 -38.00
CA GLY B 330 16.50 -7.53 -38.36
C GLY B 330 15.04 -7.65 -37.94
N CYS B 331 14.66 -8.74 -37.28
CA CYS B 331 13.29 -8.92 -36.82
C CYS B 331 12.80 -7.71 -36.02
N ARG B 332 11.62 -7.21 -36.39
CA ARG B 332 11.01 -6.08 -35.68
C ARG B 332 9.65 -6.44 -35.09
N LEU B 333 9.21 -7.68 -35.31
CA LEU B 333 7.99 -8.19 -34.72
C LEU B 333 7.96 -9.71 -34.70
N GLY B 334 7.75 -10.27 -33.51
CA GLY B 334 7.68 -11.72 -33.34
C GLY B 334 6.26 -12.22 -33.19
N PRO B 335 6.10 -13.51 -32.87
CA PRO B 335 4.76 -14.04 -32.62
C PRO B 335 4.29 -13.66 -31.21
N VAL B 336 2.97 -13.72 -30.98
CA VAL B 336 2.46 -13.53 -29.62
C VAL B 336 2.80 -14.77 -28.80
N VAL B 337 2.76 -14.63 -27.48
CA VAL B 337 3.30 -15.63 -26.55
C VAL B 337 2.72 -17.05 -26.65
N SER B 338 1.45 -17.16 -27.01
CA SER B 338 0.77 -18.47 -26.98
C SER B 338 -0.45 -18.56 -27.88
N GLU B 339 -0.88 -19.80 -28.12
CA GLU B 339 -2.10 -20.07 -28.89
C GLU B 339 -3.31 -19.36 -28.31
N GLY B 340 -3.50 -19.49 -27.00
CA GLY B 340 -4.62 -18.85 -26.28
C GLY B 340 -4.74 -17.36 -26.55
N GLN B 341 -3.61 -16.67 -26.51
CA GLN B 341 -3.55 -15.23 -26.76
C GLN B 341 -3.77 -14.91 -28.23
N TYR B 342 -3.10 -15.68 -29.10
CA TYR B 342 -3.26 -15.57 -30.55
C TYR B 342 -4.74 -15.56 -30.95
N GLU B 343 -5.48 -16.54 -30.45
CA GLU B 343 -6.91 -16.67 -30.78
C GLU B 343 -7.76 -15.58 -30.14
N LYS B 344 -7.40 -15.17 -28.93
CA LYS B 344 -8.06 -14.09 -28.21
C LYS B 344 -7.89 -12.75 -28.93
N ILE B 345 -6.67 -12.50 -29.44
CA ILE B 345 -6.38 -11.25 -30.14
C ILE B 345 -7.20 -11.14 -31.42
N LEU B 346 -7.23 -12.22 -32.20
CA LEU B 346 -7.97 -12.23 -33.46
C LEU B 346 -9.47 -12.06 -33.23
N LYS B 347 -9.96 -12.58 -32.11
CA LYS B 347 -11.35 -12.45 -31.73
C LYS B 347 -11.69 -10.99 -31.43
N PHE B 348 -10.74 -10.28 -30.80
CA PHE B 348 -10.88 -8.84 -30.60
C PHE B 348 -11.01 -8.11 -31.94
N VAL B 349 -10.26 -8.56 -32.94
CA VAL B 349 -10.28 -7.95 -34.26
C VAL B 349 -11.61 -8.22 -34.98
N SER B 350 -12.09 -9.47 -34.93
CA SER B 350 -13.36 -9.85 -35.56
C SER B 350 -14.57 -9.22 -34.87
N ASN B 351 -14.52 -9.12 -33.54
CA ASN B 351 -15.58 -8.46 -32.77
C ASN B 351 -15.74 -7.00 -33.17
N ALA B 352 -14.62 -6.30 -33.32
CA ALA B 352 -14.61 -4.92 -33.79
C ALA B 352 -15.15 -4.81 -35.21
N LYS B 353 -14.95 -5.86 -36.00
CA LYS B 353 -15.53 -5.94 -37.33
C LYS B 353 -17.05 -6.11 -37.21
N SER B 354 -17.47 -6.97 -36.28
CA SER B 354 -18.88 -7.26 -36.04
C SER B 354 -19.64 -6.06 -35.45
N GLU B 355 -18.90 -5.11 -34.87
CA GLU B 355 -19.52 -3.93 -34.26
C GLU B 355 -19.51 -2.72 -35.18
N GLY B 356 -18.92 -2.86 -36.37
CA GLY B 356 -18.95 -1.81 -37.37
C GLY B 356 -17.72 -0.93 -37.48
N ALA B 357 -16.60 -1.35 -36.90
CA ALA B 357 -15.34 -0.63 -37.05
C ALA B 357 -14.56 -1.13 -38.27
N THR B 358 -13.65 -0.29 -38.77
CA THR B 358 -12.86 -0.61 -39.96
C THR B 358 -11.45 -1.08 -39.63
N ILE B 359 -11.01 -2.15 -40.27
CA ILE B 359 -9.62 -2.58 -40.21
C ILE B 359 -8.86 -1.86 -41.31
N LEU B 360 -8.15 -0.79 -40.97
CA LEU B 360 -7.37 -0.02 -41.93
C LEU B 360 -6.24 -0.87 -42.52
N THR B 361 -5.51 -1.56 -41.64
CA THR B 361 -4.40 -2.44 -42.05
C THR B 361 -4.25 -3.59 -41.06
N GLY B 362 -3.68 -4.70 -41.53
CA GLY B 362 -3.50 -5.89 -40.70
C GLY B 362 -4.79 -6.67 -40.53
N GLY B 363 -4.93 -7.35 -39.40
CA GLY B 363 -6.17 -8.01 -39.05
C GLY B 363 -6.08 -9.52 -38.89
N SER B 364 -5.01 -10.11 -39.42
CA SER B 364 -4.86 -11.56 -39.39
C SER B 364 -3.38 -11.94 -39.37
N ARG B 365 -3.09 -13.23 -39.43
CA ARG B 365 -1.72 -13.70 -39.55
C ARG B 365 -1.12 -13.23 -40.88
N PRO B 366 0.21 -13.11 -40.96
CA PRO B 366 0.82 -12.79 -42.26
C PRO B 366 0.85 -14.02 -43.16
N GLU B 367 0.79 -13.79 -44.46
CA GLU B 367 0.71 -14.86 -45.45
C GLU B 367 1.99 -15.69 -45.50
N HIS B 368 3.14 -15.01 -45.40
CA HIS B 368 4.43 -15.65 -45.61
C HIS B 368 4.92 -16.53 -44.44
N LEU B 369 4.18 -16.53 -43.33
CA LEU B 369 4.53 -17.38 -42.19
C LEU B 369 3.43 -18.39 -41.90
N LYS B 370 3.75 -19.67 -42.06
CA LYS B 370 2.76 -20.74 -41.99
C LYS B 370 2.58 -21.30 -40.58
N LYS B 371 3.67 -21.36 -39.82
CA LYS B 371 3.63 -21.83 -38.44
C LYS B 371 3.94 -20.68 -37.48
N GLY B 372 3.52 -20.82 -36.22
CA GLY B 372 3.77 -19.80 -35.21
C GLY B 372 2.59 -18.86 -35.03
N PHE B 373 2.54 -18.21 -33.86
CA PHE B 373 1.39 -17.37 -33.51
C PHE B 373 1.62 -15.91 -33.92
N PHE B 374 1.76 -15.70 -35.23
CA PHE B 374 2.04 -14.38 -35.77
C PHE B 374 0.78 -13.63 -36.13
N ILE B 375 0.79 -12.33 -35.86
CA ILE B 375 -0.31 -11.43 -36.19
C ILE B 375 0.27 -10.15 -36.77
N GLU B 376 -0.32 -9.68 -37.86
CA GLU B 376 0.07 -8.43 -38.49
C GLU B 376 -0.25 -7.24 -37.59
N PRO B 377 0.61 -6.22 -37.58
CA PRO B 377 0.24 -5.01 -36.86
C PRO B 377 -1.11 -4.50 -37.41
N THR B 378 -2.09 -4.38 -36.53
CA THR B 378 -3.45 -4.04 -36.91
C THR B 378 -3.81 -2.63 -36.48
N ILE B 379 -4.42 -1.87 -37.38
CA ILE B 379 -5.00 -0.58 -37.05
C ILE B 379 -6.49 -0.63 -37.32
N ILE B 380 -7.27 -0.30 -36.30
CA ILE B 380 -8.71 -0.31 -36.40
C ILE B 380 -9.24 1.12 -36.30
N THR B 381 -10.00 1.52 -37.31
CA THR B 381 -10.51 2.89 -37.40
C THR B 381 -12.04 2.93 -37.50
N ASP B 382 -12.61 4.12 -37.65
CA ASP B 382 -14.06 4.34 -37.48
C ASP B 382 -14.53 3.72 -36.17
N VAL B 383 -13.89 4.13 -35.08
CA VAL B 383 -14.12 3.51 -33.77
C VAL B 383 -15.05 4.35 -32.93
N THR B 384 -15.98 3.67 -32.26
CA THR B 384 -16.97 4.35 -31.43
C THR B 384 -16.75 4.04 -29.94
N THR B 385 -16.90 5.07 -29.11
CA THR B 385 -16.57 5.05 -27.68
C THR B 385 -17.07 3.82 -26.91
N ASN B 386 -18.17 3.24 -27.39
CA ASN B 386 -18.80 2.10 -26.69
C ASN B 386 -18.37 0.72 -27.20
N MET B 387 -17.60 0.70 -28.29
CA MET B 387 -17.06 -0.56 -28.85
C MET B 387 -16.11 -1.27 -27.88
N GLN B 388 -16.13 -2.61 -27.91
CA GLN B 388 -15.19 -3.42 -27.12
C GLN B 388 -13.72 -3.01 -27.34
N ILE B 389 -13.34 -2.87 -28.60
CA ILE B 389 -11.98 -2.51 -28.98
C ILE B 389 -11.48 -1.26 -28.26
N TRP B 390 -12.38 -0.31 -28.02
CA TRP B 390 -12.05 0.95 -27.36
C TRP B 390 -11.82 0.82 -25.85
N ARG B 391 -12.53 -0.10 -25.21
CA ARG B 391 -12.56 -0.17 -23.74
C ARG B 391 -11.70 -1.28 -23.14
N GLU B 392 -11.57 -2.40 -23.84
CA GLU B 392 -10.90 -3.57 -23.28
C GLU B 392 -9.46 -3.72 -23.74
N GLU B 393 -8.61 -4.24 -22.86
CA GLU B 393 -7.20 -4.43 -23.17
C GLU B 393 -7.06 -5.63 -24.09
N VAL B 394 -6.42 -5.39 -25.24
CA VAL B 394 -6.24 -6.42 -26.25
C VAL B 394 -4.97 -7.23 -25.98
N PHE B 395 -3.88 -6.51 -25.68
CA PHE B 395 -2.56 -7.12 -25.38
C PHE B 395 -1.97 -7.83 -26.61
N GLY B 396 -2.16 -7.20 -27.77
CA GLY B 396 -1.62 -7.68 -29.04
C GLY B 396 -1.34 -6.48 -29.94
N PRO B 397 -0.74 -6.73 -31.12
CA PRO B 397 -0.38 -5.65 -32.03
C PRO B 397 -1.60 -5.00 -32.70
N VAL B 398 -2.45 -4.39 -31.87
CA VAL B 398 -3.76 -3.87 -32.31
C VAL B 398 -4.00 -2.47 -31.74
N LEU B 399 -4.04 -1.49 -32.63
CA LEU B 399 -4.28 -0.10 -32.26
C LEU B 399 -5.62 0.33 -32.79
N CYS B 400 -6.36 1.10 -32.00
CA CYS B 400 -7.57 1.75 -32.50
C CYS B 400 -7.41 3.27 -32.56
N VAL B 401 -8.17 3.91 -33.45
CA VAL B 401 -8.00 5.31 -33.73
C VAL B 401 -9.32 6.07 -33.60
N LYS B 402 -9.29 7.16 -32.86
CA LYS B 402 -10.39 8.12 -32.82
C LYS B 402 -9.79 9.49 -33.06
N THR B 403 -10.62 10.39 -33.56
CA THR B 403 -10.16 11.71 -33.93
C THR B 403 -10.74 12.80 -33.00
N PHE B 404 -10.09 13.97 -32.97
CA PHE B 404 -10.53 15.09 -32.15
C PHE B 404 -10.17 16.42 -32.82
N SER B 405 -10.75 17.52 -32.32
CA SER B 405 -10.31 18.86 -32.74
C SER B 405 -9.81 19.74 -31.58
N THR B 406 -10.50 19.68 -30.44
CA THR B 406 -10.11 20.51 -29.31
C THR B 406 -9.28 19.74 -28.29
N GLU B 407 -8.33 20.46 -27.69
CA GLU B 407 -7.55 19.98 -26.56
C GLU B 407 -8.44 19.37 -25.47
N GLU B 408 -9.51 20.09 -25.13
CA GLU B 408 -10.50 19.62 -24.15
C GLU B 408 -11.11 18.27 -24.56
N GLU B 409 -11.43 18.11 -25.83
CA GLU B 409 -12.02 16.84 -26.30
C GLU B 409 -11.00 15.72 -26.25
N ALA B 410 -9.75 16.06 -26.53
CA ALA B 410 -8.65 15.09 -26.55
C ALA B 410 -8.42 14.53 -25.14
N ILE B 411 -8.38 15.43 -24.16
CA ILE B 411 -8.28 15.06 -22.74
C ILE B 411 -9.46 14.17 -22.32
N ASP B 412 -10.66 14.56 -22.70
CA ASP B 412 -11.85 13.81 -22.34
C ASP B 412 -11.82 12.38 -22.90
N LEU B 413 -11.42 12.26 -24.17
CA LEU B 413 -11.23 10.95 -24.78
C LEU B 413 -10.09 10.19 -24.12
N ALA B 414 -9.04 10.90 -23.74
CA ALA B 414 -7.88 10.32 -23.09
C ALA B 414 -8.24 9.68 -21.75
N ASN B 415 -9.00 10.42 -20.94
CA ASN B 415 -9.42 9.97 -19.61
C ASN B 415 -10.68 9.12 -19.67
N ASP B 416 -11.14 8.82 -20.88
CA ASP B 416 -12.34 7.99 -21.05
C ASP B 416 -11.98 6.51 -20.93
N THR B 417 -11.85 6.04 -19.69
CA THR B 417 -11.50 4.65 -19.39
C THR B 417 -11.48 4.41 -17.88
N VAL B 418 -11.75 3.17 -17.48
CA VAL B 418 -11.66 2.77 -16.07
C VAL B 418 -10.19 2.62 -15.60
N TYR B 419 -9.27 2.47 -16.55
CA TYR B 419 -7.83 2.31 -16.27
C TYR B 419 -7.12 3.64 -16.13
N GLY B 420 -5.83 3.59 -15.80
CA GLY B 420 -5.01 4.80 -15.65
C GLY B 420 -3.55 4.48 -15.37
N LEU B 421 -2.95 3.68 -16.24
CA LEU B 421 -1.56 3.31 -16.10
C LEU B 421 -0.69 4.36 -16.79
N GLY B 422 -0.67 4.32 -18.12
CA GLY B 422 0.14 5.23 -18.92
C GLY B 422 -0.68 6.22 -19.70
N ALA B 423 0.01 7.19 -20.29
CA ALA B 423 -0.56 8.16 -21.21
C ALA B 423 0.58 8.92 -21.90
N ALA B 424 0.33 9.36 -23.14
CA ALA B 424 1.35 10.11 -23.87
C ALA B 424 0.73 11.22 -24.71
N VAL B 425 1.45 12.34 -24.80
CA VAL B 425 1.09 13.44 -25.67
C VAL B 425 2.24 13.83 -26.55
N ILE B 426 1.93 14.02 -27.83
CA ILE B 426 2.91 14.51 -28.79
C ILE B 426 2.45 15.83 -29.44
N SER B 427 3.19 16.89 -29.12
CA SER B 427 2.96 18.20 -29.69
C SER B 427 4.24 19.02 -29.55
N ASN B 428 4.56 19.83 -30.57
CA ASN B 428 5.67 20.79 -30.49
C ASN B 428 5.42 21.89 -29.46
N ASP B 429 4.14 22.14 -29.19
CA ASP B 429 3.73 23.12 -28.18
C ASP B 429 3.90 22.50 -26.78
N LEU B 430 4.96 22.92 -26.10
CA LEU B 430 5.37 22.34 -24.83
C LEU B 430 4.47 22.75 -23.66
N GLU B 431 3.89 23.94 -23.71
CA GLU B 431 2.95 24.38 -22.68
C GLU B 431 1.65 23.59 -22.79
N ARG B 432 1.31 23.21 -24.02
CA ARG B 432 0.18 22.31 -24.27
C ARG B 432 0.47 20.88 -23.81
N CYS B 433 1.72 20.46 -23.93
CA CYS B 433 2.17 19.16 -23.42
C CYS B 433 1.99 19.07 -21.90
N GLU B 434 2.48 20.09 -21.19
CA GLU B 434 2.36 20.17 -19.74
C GLU B 434 0.90 20.21 -19.28
N ARG B 435 0.08 20.96 -20.00
CA ARG B 435 -1.34 21.08 -19.69
C ARG B 435 -2.00 19.71 -19.78
N VAL B 436 -1.78 19.01 -20.89
CA VAL B 436 -2.36 17.67 -21.07
C VAL B 436 -1.74 16.67 -20.07
N THR B 437 -0.46 16.84 -19.76
CA THR B 437 0.22 16.00 -18.77
C THR B 437 -0.54 16.02 -17.44
N LYS B 438 -0.77 17.23 -16.93
CA LYS B 438 -1.52 17.44 -15.68
C LYS B 438 -2.94 16.87 -15.74
N ALA B 439 -3.60 17.04 -16.88
CA ALA B 439 -4.97 16.54 -17.07
C ALA B 439 -5.08 15.01 -17.15
N PHE B 440 -3.99 14.36 -17.57
CA PHE B 440 -3.99 12.89 -17.67
C PHE B 440 -4.22 12.24 -16.32
N LYS B 441 -5.16 11.32 -16.26
CA LYS B 441 -5.32 10.50 -15.07
C LYS B 441 -4.58 9.19 -15.30
N ALA B 442 -3.26 9.26 -15.10
CA ALA B 442 -2.34 8.14 -15.30
C ALA B 442 -1.16 8.30 -14.35
N GLY B 443 -0.47 7.20 -14.06
CA GLY B 443 0.71 7.22 -13.21
C GLY B 443 1.97 7.54 -13.99
N ILE B 444 1.94 7.20 -15.27
CA ILE B 444 3.06 7.45 -16.17
C ILE B 444 2.60 8.25 -17.39
N VAL B 445 3.27 9.38 -17.63
CA VAL B 445 3.02 10.18 -18.81
C VAL B 445 4.31 10.40 -19.60
N TRP B 446 4.24 10.15 -20.90
CA TRP B 446 5.34 10.39 -21.81
C TRP B 446 5.06 11.62 -22.67
N VAL B 447 6.04 12.50 -22.77
CA VAL B 447 5.90 13.70 -23.60
C VAL B 447 6.81 13.58 -24.82
N ASN B 448 6.17 13.65 -26.00
CA ASN B 448 6.87 13.56 -27.28
C ASN B 448 7.63 12.22 -27.48
N CYS B 449 7.02 11.18 -26.90
CA CYS B 449 7.45 9.81 -27.07
C CYS B 449 6.35 8.89 -26.53
N SER B 450 6.61 7.59 -26.51
CA SER B 450 5.71 6.64 -25.90
C SER B 450 6.47 5.37 -25.51
N GLN B 451 6.43 5.03 -24.21
CA GLN B 451 6.94 3.76 -23.65
C GLN B 451 8.33 3.72 -22.96
N PRO B 452 9.25 4.65 -23.29
CA PRO B 452 10.59 4.50 -22.70
C PRO B 452 10.56 4.42 -21.17
N CYS B 453 11.15 3.36 -20.63
CA CYS B 453 11.06 3.04 -19.21
C CYS B 453 12.43 2.98 -18.53
N PHE B 454 12.62 3.89 -17.59
CA PHE B 454 13.88 4.03 -16.85
C PHE B 454 13.75 3.48 -15.43
N THR B 455 14.75 2.72 -14.99
CA THR B 455 14.80 2.19 -13.63
C THR B 455 14.74 3.30 -12.54
N GLN B 456 15.34 4.44 -12.84
CA GLN B 456 15.41 5.58 -11.91
C GLN B 456 14.05 6.17 -11.53
N ALA B 457 13.04 5.97 -12.37
CA ALA B 457 11.76 6.69 -12.22
C ALA B 457 10.59 5.77 -11.80
N PRO B 458 9.68 6.27 -10.93
CA PRO B 458 8.57 5.48 -10.36
C PRO B 458 7.56 5.00 -11.40
N TRP B 459 7.15 3.73 -11.26
CA TRP B 459 6.29 3.07 -12.25
C TRP B 459 5.05 2.48 -11.59
N GLY B 460 3.87 2.88 -12.05
CA GLY B 460 2.60 2.35 -11.51
C GLY B 460 1.36 3.10 -11.96
N GLY B 461 0.19 2.54 -11.67
CA GLY B 461 -1.07 3.04 -12.18
C GLY B 461 -2.03 3.63 -11.17
N VAL B 462 -3.07 4.30 -11.69
CA VAL B 462 -4.19 4.79 -10.89
C VAL B 462 -5.48 4.12 -11.38
N LYS B 463 -6.61 4.49 -10.79
CA LYS B 463 -7.92 3.90 -11.14
C LYS B 463 -7.83 2.37 -11.21
N ARG B 464 -8.25 1.77 -12.31
CA ARG B 464 -8.29 0.30 -12.40
C ARG B 464 -6.95 -0.36 -12.88
N SER B 465 -5.87 0.42 -12.88
CA SER B 465 -4.56 -0.10 -13.27
C SER B 465 -3.67 -0.47 -12.08
N GLY B 466 -4.27 -0.60 -10.90
CA GLY B 466 -3.55 -1.03 -9.71
C GLY B 466 -3.07 0.14 -8.88
N PHE B 467 -2.23 -0.15 -7.89
CA PHE B 467 -1.75 0.86 -6.95
C PHE B 467 -0.34 0.53 -6.48
N GLY B 468 0.34 1.55 -5.94
CA GLY B 468 1.72 1.38 -5.49
C GLY B 468 2.65 1.65 -6.65
N ARG B 469 3.87 2.07 -6.34
CA ARG B 469 4.86 2.35 -7.37
C ARG B 469 6.05 1.40 -7.24
N GLU B 470 6.51 0.90 -8.37
CA GLU B 470 7.79 0.20 -8.44
C GLU B 470 8.85 1.10 -9.10
N LEU B 471 10.10 0.63 -9.10
CA LEU B 471 11.26 1.35 -9.64
C LEU B 471 11.62 2.63 -8.87
N GLY B 472 12.84 3.12 -9.10
CA GLY B 472 13.34 4.27 -8.36
C GLY B 472 13.54 3.94 -6.89
N GLU B 473 13.47 4.97 -6.05
CA GLU B 473 13.51 4.77 -4.60
C GLU B 473 12.23 4.13 -4.07
N TRP B 474 11.11 4.37 -4.75
CA TRP B 474 9.84 3.72 -4.41
C TRP B 474 9.98 2.21 -4.42
N GLY B 475 10.71 1.68 -5.39
CA GLY B 475 10.90 0.23 -5.53
C GLY B 475 11.49 -0.38 -4.28
N LEU B 476 12.56 0.23 -3.77
CA LEU B 476 13.21 -0.20 -2.53
C LEU B 476 12.29 -0.06 -1.30
N ASP B 477 11.57 1.06 -1.22
CA ASP B 477 10.71 1.35 -0.07
C ASP B 477 9.55 0.37 0.06
N ASN B 478 9.19 -0.28 -1.04
CA ASN B 478 8.17 -1.33 -1.04
C ASN B 478 8.57 -2.57 -0.28
N TYR B 479 9.86 -2.71 0.01
CA TYR B 479 10.35 -3.89 0.69
C TYR B 479 10.97 -3.59 2.07
N LEU B 480 10.77 -2.36 2.53
CA LEU B 480 11.23 -1.95 3.85
C LEU B 480 10.05 -1.65 4.77
N SER B 481 10.07 -2.18 5.99
CA SER B 481 9.07 -1.77 6.97
C SER B 481 9.67 -0.69 7.87
N VAL B 482 8.83 0.29 8.17
CA VAL B 482 9.21 1.45 8.94
C VAL B 482 8.94 1.12 10.40
N LYS B 483 9.95 1.35 11.24
CA LYS B 483 9.84 1.15 12.68
C LYS B 483 10.12 2.48 13.38
N GLN B 484 9.11 2.98 14.09
CA GLN B 484 9.26 4.16 14.92
C GLN B 484 9.86 3.73 16.26
N VAL B 485 10.88 4.46 16.70
CA VAL B 485 11.47 4.21 18.01
C VAL B 485 11.41 5.50 18.80
N THR B 486 10.53 5.52 19.80
CA THR B 486 10.33 6.71 20.64
C THR B 486 10.76 6.44 22.08
N GLN B 487 11.61 7.31 22.61
CA GLN B 487 12.27 7.10 23.89
C GLN B 487 12.03 8.22 24.89
N TYR B 488 11.52 7.84 26.06
CA TYR B 488 11.36 8.76 27.17
C TYR B 488 12.73 8.99 27.78
N ILE B 489 13.19 10.24 27.77
CA ILE B 489 14.52 10.57 28.30
C ILE B 489 14.48 11.47 29.53
N SER B 490 13.26 11.76 30.00
CA SER B 490 13.08 12.54 31.24
C SER B 490 13.27 11.64 32.45
N GLU B 491 13.84 12.20 33.51
CA GLU B 491 14.00 11.45 34.77
C GLU B 491 12.79 11.63 35.68
N GLU B 492 11.90 12.53 35.28
CA GLU B 492 10.66 12.73 36.01
C GLU B 492 9.68 11.57 35.78
N PRO B 493 8.86 11.24 36.80
CA PRO B 493 7.81 10.26 36.57
C PRO B 493 6.80 10.82 35.56
N TRP B 494 6.13 9.93 34.83
CA TRP B 494 5.12 10.34 33.85
C TRP B 494 4.11 11.30 34.48
N GLY B 495 3.71 11.00 35.71
CA GLY B 495 2.91 11.92 36.53
C GLY B 495 1.49 12.08 36.05
N TRP B 496 0.93 11.02 35.50
CA TRP B 496 -0.45 11.05 35.04
C TRP B 496 -1.36 10.42 36.10
N TYR B 497 -0.90 9.32 36.68
CA TYR B 497 -1.66 8.62 37.72
C TYR B 497 -1.17 9.05 39.09
N GLN B 498 -2.06 9.03 40.08
CA GLN B 498 -1.68 9.36 41.46
C GLN B 498 -0.85 8.25 42.12
N PRO B 499 0.36 8.61 42.58
CA PRO B 499 1.21 7.64 43.25
C PRO B 499 0.66 7.25 44.63
N PRO B 500 0.89 5.99 45.04
CA PRO B 500 0.55 5.61 46.42
C PRO B 500 1.34 6.50 47.36
N ALA B 501 0.66 7.08 48.36
CA ALA B 501 1.35 7.91 49.35
C ALA B 501 2.46 7.11 50.01
N LYS B 502 3.59 7.77 50.29
CA LYS B 502 4.66 7.12 51.04
C LYS B 502 4.18 6.99 52.47
N LEU B 503 3.93 5.74 52.89
CA LEU B 503 3.35 5.42 54.21
C LEU B 503 1.89 5.84 54.30
PA NAD C . -14.81 -2.02 13.73
O1A NAD C . -16.01 -2.93 13.68
O2A NAD C . -13.61 -2.37 12.88
O5B NAD C . -15.28 -0.51 13.42
C5B NAD C . -14.38 0.47 12.88
C4B NAD C . -15.12 1.26 11.82
O4B NAD C . -15.45 0.40 10.74
C3B NAD C . -16.45 1.82 12.35
O3B NAD C . -16.63 3.16 11.89
C2B NAD C . -17.48 0.88 11.75
O2B NAD C . -18.76 1.48 11.63
C1B NAD C . -16.85 0.47 10.42
N9A NAD C . -17.39 -0.81 9.88
C8A NAD C . -17.92 -1.81 10.59
N7A NAD C . -18.35 -2.83 9.82
C5A NAD C . -18.12 -2.47 8.54
C6A NAD C . -18.34 -3.10 7.22
N6A NAD C . -18.92 -4.32 7.11
N1A NAD C . -17.96 -2.40 6.13
C2A NAD C . -17.37 -1.18 6.23
N3A NAD C . -17.14 -0.55 7.41
C4A NAD C . -17.48 -1.14 8.59
O3 NAD C . -14.20 -1.91 15.19
PN NAD C . -15.11 -1.76 16.51
O1N NAD C . -14.36 -2.58 17.54
O2N NAD C . -16.46 -2.33 16.12
O5D NAD C . -15.06 -0.25 16.72
NA NA D . -21.78 7.03 22.48
C1 GOL E . -3.59 11.04 22.60
O1 GOL E . -3.38 9.88 21.83
C2 GOL E . -2.23 11.66 22.91
O2 GOL E . -1.58 11.81 21.66
C3 GOL E . -1.45 10.78 23.91
O3 GOL E . -0.12 10.54 23.50
C1 GOL F . -3.82 3.36 19.33
O1 GOL F . -5.08 2.79 19.61
C2 GOL F . -4.04 4.77 18.80
O2 GOL F . -3.91 4.74 17.39
C3 GOL F . -3.07 5.78 19.40
O3 GOL F . -2.93 5.57 20.79
C1 GOL G . 7.74 9.94 3.58
O1 GOL G . 7.61 8.75 2.84
C2 GOL G . 9.03 10.65 3.18
O2 GOL G . 8.74 11.93 2.69
C3 GOL G . 9.94 10.76 4.40
O3 GOL G . 10.66 9.56 4.54
PA NAD H . -1.95 -13.36 -15.21
O1A NAD H . -2.88 -14.48 -15.58
O2A NAD H . -2.42 -12.33 -14.23
O5B NAD H . -0.56 -14.01 -14.73
C5B NAD H . 0.47 -13.27 -14.09
C4B NAD H . 1.18 -14.14 -13.06
O4B NAD H . 0.27 -14.48 -12.01
C3B NAD H . 1.67 -15.46 -13.63
O3B NAD H . 2.92 -15.82 -13.04
C2B NAD H . 0.58 -16.45 -13.23
O2B NAD H . 1.04 -17.79 -13.16
C1B NAD H . 0.16 -15.89 -11.87
N9A NAD H . -1.22 -16.36 -11.52
C8A NAD H . -2.17 -16.73 -12.39
N7A NAD H . -3.29 -17.14 -11.75
C5A NAD H . -3.05 -17.05 -10.43
C6A NAD H . -3.81 -17.33 -9.20
N6A NAD H . -5.08 -17.79 -9.25
N1A NAD H . -3.19 -17.09 -8.01
C2A NAD H . -1.93 -16.62 -7.94
N3A NAD H . -1.17 -16.35 -9.03
C4A NAD H . -1.67 -16.53 -10.28
O3 NAD H . -1.51 -12.52 -16.51
PN NAD H . -1.01 -13.17 -17.90
O1N NAD H . -1.67 -14.54 -17.96
O2N NAD H . 0.50 -13.15 -17.71
O5D NAD H . -1.52 -12.19 -18.94
NA NA I . 7.19 -20.45 -23.79
C1 GOL J . 12.80 -0.36 -22.67
O1 GOL J . 12.43 1.00 -22.44
C2 GOL J . 13.05 -1.08 -21.35
O2 GOL J . 13.85 -2.22 -21.57
C3 GOL J . 11.73 -1.54 -20.75
O3 GOL J . 11.39 -2.84 -21.18
C1 GOL K . 9.25 7.62 -1.03
O1 GOL K . 9.54 6.39 -1.67
C2 GOL K . 10.35 8.65 -1.29
O2 GOL K . 9.92 9.54 -2.30
C3 GOL K . 11.65 7.99 -1.73
O3 GOL K . 12.57 7.97 -0.65
C1 GOL L . 5.55 -2.99 -19.01
O1 GOL L . 4.26 -2.84 -19.54
C2 GOL L . 6.38 -1.73 -19.27
O2 GOL L . 6.52 -1.47 -20.63
C3 GOL L . 7.75 -1.86 -18.62
O3 GOL L . 8.73 -2.09 -19.61
C1 GOL M . -5.05 -22.23 -1.46
O1 GOL M . -4.88 -20.98 -2.10
C2 GOL M . -3.84 -22.53 -0.58
O2 GOL M . -3.26 -23.76 -0.96
C3 GOL M . -4.27 -22.61 0.88
O3 GOL M . -3.11 -22.60 1.70
#